data_8POU
#
_entry.id   8POU
#
_cell.length_a   73.231
_cell.length_b   95.740
_cell.length_c   120.005
_cell.angle_alpha   90.00
_cell.angle_beta   90.00
_cell.angle_gamma   90.00
#
_symmetry.space_group_name_H-M   'P 21 21 21'
#
loop_
_entity.id
_entity.type
_entity.pdbx_description
1 polymer 'Uptake hydrogenase large subunit'
2 polymer 'Uptake hydrogenase small subunit'
3 non-polymer 'NI-FE OXIDIZED ACTIVE CENTER'
4 non-polymer 'MAGNESIUM ION'
5 non-polymer 'CHLORIDE ION'
6 non-polymer 'IRON/SULFUR CLUSTER'
7 non-polymer 'FE3-S4 CLUSTER'
8 water water
#
loop_
_entity_poly.entity_id
_entity_poly.type
_entity_poly.pdbx_seq_one_letter_code
_entity_poly.pdbx_strand_id
1 'polypeptide(L)'
;MSAYATQGFNLDDRGRRIVVDPVTRIEGHMRCEVNVDANNVIRNAVSTGTMWRGLEVILKGRDPRDAWAFVERICGVCTG
CHALASVRAVENALDIRIPKNAHLIREIMAKTLQVHDHAVHFYHLHALDWVDVMSALKADPKRTSELQQLVSPAHPLSSA
GYFRDIQNRLKRFVESGQLGPFMNGYWGSKAYVLPPEANLMAVTHYLEALDLQKEWVKIHTIFGGKNPHPNYLVGGVPCA
INLDGIGAASAPVNMERLSFVKARIDEIIEFNKNVYVPDVLAIGTLYKQAGWLYGGGLAATNVLDYGEYPNVAYNKSTDQ
LPGGAILNGNWDEVFPVDPRDSQQVQEFVSHSWYKYADESVGLHPWDGVTEPNYVLGANTKGTRTRIEQIDESAKYSWIK
SPRWRGHAMEVGPLSRYILAYAHARSGNKYAERPKEQLEYSAQMINSAIPKALGLPETQYTLKQLLPSTIGRTLARALES
QYCGEMMHSDWHDLVANIRAGDTATANVDKWDPATWPLQAKGVGTVAAPRGALGHWIRIKDGRIENYQCVVPTTWNGSPR
DYKGQIGAFEASLMNTPMVNPEQPVEILRTLHSFDPCLACSTH
;
L
2 'polypeptide(L)'
;METKPRTPVLWLHGLECTGCSESFIRSAHPLAKDVVLSMISLDYDDTLMAAAGHQAEAILEEIMTKYKGNYILAVEGNPP
LNQDGMSCIIGGRPFIEQLKYVAKDAKAIISWGSCASWGGVQAAKPNPTQATPVHKVITDKPIIKVPGCPPIAEVMTGVI
TYMLTFDRIPELDRQGRPKMFYSQRIHDKCYRRPHFDAGQFVEEWDDESARKGFCLYKMGCKGPTTYNACSTTRWNEGTS
FPIQSGHGCIGCSEDGFWDKGSFYDRLTGISQFGVEANADKIGGTASVVVGAAVTAHAAASAIKRASKKNETSGSEHRSA
WSHPQFEK
;
S
#
# COMPACT_ATOMS: atom_id res chain seq x y z
N ALA A 3 -29.09 -19.52 -6.64
CA ALA A 3 -29.40 -18.06 -6.73
C ALA A 3 -30.10 -17.54 -5.48
N TYR A 4 -29.72 -16.34 -5.05
CA TYR A 4 -30.48 -15.65 -3.99
C TYR A 4 -30.30 -14.14 -4.10
N ALA A 5 -31.21 -13.39 -3.46
CA ALA A 5 -31.20 -11.94 -3.49
C ALA A 5 -30.71 -11.40 -2.15
N THR A 6 -29.83 -10.41 -2.21
CA THR A 6 -29.36 -9.75 -1.01
C THR A 6 -28.99 -8.31 -1.34
N GLN A 7 -29.37 -7.38 -0.46
CA GLN A 7 -29.01 -5.96 -0.59
C GLN A 7 -29.44 -5.34 -1.93
N GLY A 8 -30.52 -5.86 -2.51
CA GLY A 8 -31.01 -5.42 -3.82
C GLY A 8 -30.34 -6.08 -5.02
N PHE A 9 -29.36 -6.95 -4.78
CA PHE A 9 -28.67 -7.65 -5.84
C PHE A 9 -29.20 -9.06 -5.99
N ASN A 10 -29.46 -9.44 -7.23
CA ASN A 10 -29.94 -10.77 -7.55
C ASN A 10 -28.75 -11.63 -7.98
N LEU A 11 -28.17 -12.38 -7.03
CA LEU A 11 -27.03 -13.24 -7.30
C LEU A 11 -27.48 -14.52 -7.99
N ASP A 12 -26.75 -14.90 -9.03
CA ASP A 12 -27.08 -16.09 -9.81
C ASP A 12 -25.78 -16.70 -10.27
N ASP A 13 -25.56 -17.95 -9.90
CA ASP A 13 -24.32 -18.65 -10.27
C ASP A 13 -24.53 -19.69 -11.39
N ARG A 14 -25.64 -19.57 -12.13
CA ARG A 14 -25.94 -20.53 -13.19
C ARG A 14 -25.24 -20.23 -14.52
N GLY A 15 -24.78 -19.00 -14.70
CA GLY A 15 -24.12 -18.60 -15.93
C GLY A 15 -22.71 -19.13 -16.08
N ARG A 16 -22.02 -18.65 -17.11
CA ARG A 16 -20.66 -19.07 -17.39
C ARG A 16 -19.70 -18.55 -16.33
N ARG A 17 -18.88 -19.45 -15.78
CA ARG A 17 -17.91 -19.11 -14.74
C ARG A 17 -16.60 -18.62 -15.35
N ILE A 18 -16.08 -17.53 -14.81
CA ILE A 18 -14.83 -16.92 -15.26
C ILE A 18 -13.93 -16.75 -14.04
N VAL A 19 -12.66 -17.12 -14.19
CA VAL A 19 -11.67 -17.04 -13.09
C VAL A 19 -10.56 -16.07 -13.46
N VAL A 20 -10.23 -15.19 -12.51
CA VAL A 20 -9.09 -14.29 -12.63
C VAL A 20 -8.15 -14.55 -11.45
N ASP A 21 -7.06 -15.27 -11.71
CA ASP A 21 -6.10 -15.63 -10.67
C ASP A 21 -4.73 -15.84 -11.32
N PRO A 22 -3.78 -14.94 -11.06
CA PRO A 22 -3.81 -13.80 -10.14
C PRO A 22 -4.51 -12.53 -10.67
N VAL A 23 -5.12 -11.79 -9.75
CA VAL A 23 -5.49 -10.42 -10.02
C VAL A 23 -4.17 -9.64 -9.88
N THR A 24 -3.78 -8.97 -10.96
CA THR A 24 -2.52 -8.21 -10.97
C THR A 24 -2.82 -6.73 -10.82
N ARG A 25 -1.76 -5.92 -10.78
CA ARG A 25 -1.84 -4.49 -10.48
C ARG A 25 -2.68 -4.18 -9.21
N ILE A 26 -2.43 -5.01 -8.19
CA ILE A 26 -2.85 -4.79 -6.82
C ILE A 26 -1.64 -5.06 -5.92
N GLU A 27 -1.77 -4.74 -4.64
CA GLU A 27 -0.82 -5.22 -3.66
C GLU A 27 -1.30 -6.60 -3.21
N GLY A 28 -0.39 -7.56 -3.22
CA GLY A 28 -0.65 -8.87 -2.65
C GLY A 28 -1.36 -9.83 -3.58
N HIS A 29 -2.09 -10.77 -2.97
CA HIS A 29 -2.64 -11.92 -3.69
C HIS A 29 -4.15 -11.98 -3.58
N MET A 30 -4.81 -11.96 -4.74
CA MET A 30 -6.27 -12.11 -4.84
C MET A 30 -6.66 -13.00 -6.00
N ARG A 31 -7.74 -13.75 -5.78
CA ARG A 31 -8.42 -14.50 -6.83
C ARG A 31 -9.83 -13.93 -6.91
N CYS A 32 -10.32 -13.76 -8.14
CA CYS A 32 -11.69 -13.31 -8.38
C CYS A 32 -12.36 -14.26 -9.36
N GLU A 33 -13.59 -14.68 -9.02
CA GLU A 33 -14.42 -15.45 -9.93
C GLU A 33 -15.76 -14.75 -10.08
N VAL A 34 -16.29 -14.80 -11.30
CA VAL A 34 -17.61 -14.29 -11.60
C VAL A 34 -18.38 -15.30 -12.43
N ASN A 35 -19.70 -15.15 -12.44
CA ASN A 35 -20.54 -15.78 -13.44
C ASN A 35 -21.14 -14.71 -14.31
N VAL A 36 -21.19 -14.97 -15.62
CA VAL A 36 -21.87 -14.05 -16.54
C VAL A 36 -23.08 -14.71 -17.21
N ASP A 37 -24.10 -13.90 -17.47
CA ASP A 37 -25.31 -14.38 -18.12
C ASP A 37 -25.11 -14.50 -19.64
N ALA A 38 -26.19 -14.81 -20.36
CA ALA A 38 -26.14 -15.03 -21.81
C ALA A 38 -25.65 -13.83 -22.62
N ASN A 39 -25.68 -12.64 -22.01
CA ASN A 39 -25.26 -11.39 -22.65
C ASN A 39 -23.94 -10.85 -22.08
N ASN A 40 -23.18 -11.70 -21.39
CA ASN A 40 -21.88 -11.33 -20.78
C ASN A 40 -21.98 -10.31 -19.65
N VAL A 41 -23.10 -10.28 -18.96
CA VAL A 41 -23.29 -9.41 -17.81
C VAL A 41 -23.03 -10.19 -16.54
N ILE A 42 -22.18 -9.64 -15.67
CA ILE A 42 -21.83 -10.28 -14.40
C ILE A 42 -23.07 -10.35 -13.49
N ARG A 43 -23.38 -11.58 -13.05
CA ARG A 43 -24.54 -11.86 -12.20
C ARG A 43 -24.15 -12.54 -10.88
N ASN A 44 -22.86 -12.77 -10.69
CA ASN A 44 -22.31 -13.27 -9.44
C ASN A 44 -20.84 -12.91 -9.40
N ALA A 45 -20.34 -12.59 -8.21
CA ALA A 45 -18.92 -12.24 -8.04
C ALA A 45 -18.41 -12.77 -6.72
N VAL A 46 -17.15 -13.23 -6.74
CA VAL A 46 -16.54 -13.93 -5.61
C VAL A 46 -15.15 -13.38 -5.36
N SER A 47 -14.96 -12.78 -4.19
CA SER A 47 -13.70 -12.20 -3.81
C SER A 47 -12.94 -13.15 -2.89
N THR A 48 -11.76 -13.60 -3.30
CA THR A 48 -10.94 -14.51 -2.49
C THR A 48 -9.57 -13.90 -2.17
N GLY A 49 -9.34 -13.56 -0.90
CA GLY A 49 -7.98 -13.22 -0.44
C GLY A 49 -7.12 -14.47 -0.40
N THR A 50 -6.04 -14.49 -1.19
CA THR A 50 -5.23 -15.72 -1.37
C THR A 50 -3.89 -15.76 -0.61
N MET A 51 -3.81 -15.00 0.49
CA MET A 51 -2.61 -15.00 1.32
C MET A 51 -2.97 -14.77 2.78
N TRP A 52 -2.14 -15.26 3.68
CA TRP A 52 -2.27 -14.95 5.11
C TRP A 52 -0.90 -15.10 5.75
N ARG A 53 -0.57 -14.24 6.70
CA ARG A 53 0.72 -14.30 7.42
C ARG A 53 0.56 -14.48 8.93
N GLY A 54 -0.51 -13.94 9.50
CA GLY A 54 -0.80 -14.15 10.92
C GLY A 54 -0.13 -13.19 11.88
N LEU A 55 -0.04 -11.92 11.49
CA LEU A 55 0.56 -10.90 12.36
C LEU A 55 -0.10 -10.83 13.73
N GLU A 56 -1.41 -11.03 13.77
CA GLU A 56 -2.16 -10.93 15.03
C GLU A 56 -1.70 -12.00 16.03
N VAL A 57 -1.38 -13.17 15.50
CA VAL A 57 -0.88 -14.29 16.29
C VAL A 57 0.56 -14.02 16.74
N ILE A 58 1.37 -13.51 15.82
CA ILE A 58 2.78 -13.23 16.06
C ILE A 58 2.98 -12.21 17.19
N LEU A 59 2.07 -11.24 17.28
CA LEU A 59 2.17 -10.17 18.29
C LEU A 59 1.94 -10.62 19.74
N LYS A 60 1.26 -11.74 19.93
CA LYS A 60 0.95 -12.19 21.29
C LYS A 60 2.22 -12.36 22.13
N GLY A 61 2.19 -11.78 23.33
CA GLY A 61 3.29 -11.88 24.28
C GLY A 61 4.39 -10.85 24.12
N ARG A 62 4.34 -10.03 23.06
CA ARG A 62 5.40 -9.05 22.82
C ARG A 62 5.15 -7.76 23.57
N ASP A 63 6.11 -6.85 23.50
CA ASP A 63 6.01 -5.55 24.19
C ASP A 63 5.19 -4.59 23.32
N PRO A 64 4.12 -3.96 23.90
CA PRO A 64 3.31 -3.01 23.13
C PRO A 64 4.11 -1.92 22.44
N ARG A 65 5.23 -1.51 23.04
CA ARG A 65 6.08 -0.46 22.45
C ARG A 65 6.75 -0.89 21.14
N ASP A 66 6.90 -2.21 20.94
CA ASP A 66 7.49 -2.77 19.73
C ASP A 66 6.47 -3.05 18.62
N ALA A 67 5.18 -3.07 18.97
CA ALA A 67 4.14 -3.51 18.04
C ALA A 67 4.13 -2.78 16.71
N TRP A 68 4.28 -1.45 16.76
CA TRP A 68 4.16 -0.62 15.56
C TRP A 68 5.06 -1.14 14.42
N ALA A 69 6.25 -1.62 14.76
CA ALA A 69 7.22 -2.05 13.76
C ALA A 69 6.79 -3.35 13.09
N PHE A 70 6.22 -4.27 13.87
CA PHE A 70 5.67 -5.52 13.34
C PHE A 70 4.49 -5.21 12.41
N VAL A 71 3.51 -4.49 12.91
CA VAL A 71 2.30 -4.22 12.12
C VAL A 71 2.55 -3.28 10.93
N GLU A 72 3.60 -2.47 11.00
CA GLU A 72 3.98 -1.64 9.84
C GLU A 72 4.24 -2.54 8.64
N ARG A 73 4.83 -3.71 8.92
CA ARG A 73 5.16 -4.69 7.88
C ARG A 73 3.96 -5.51 7.40
N ILE A 74 2.76 -5.22 7.90
CA ILE A 74 1.55 -5.69 7.23
C ILE A 74 1.59 -5.24 5.77
N CYS A 75 2.09 -4.03 5.52
CA CYS A 75 2.05 -3.48 4.15
C CYS A 75 3.06 -2.37 3.89
N GLY A 76 3.83 -2.53 2.80
CA GLY A 76 4.80 -1.52 2.40
C GLY A 76 4.28 -0.52 1.39
N VAL A 77 3.02 -0.68 0.98
CA VAL A 77 2.36 0.27 0.09
C VAL A 77 1.72 1.34 0.96
N CYS A 78 0.82 0.94 1.86
CA CYS A 78 0.27 1.89 2.84
C CYS A 78 1.21 1.95 4.03
N THR A 79 2.48 2.21 3.72
CA THR A 79 3.55 2.11 4.72
C THR A 79 3.46 3.22 5.78
N GLY A 80 3.37 2.80 7.04
CA GLY A 80 3.26 3.73 8.14
C GLY A 80 1.87 3.87 8.71
N CYS A 81 0.83 3.64 7.92
CA CYS A 81 -0.52 3.80 8.48
C CYS A 81 -0.82 2.81 9.62
N HIS A 82 -0.29 1.60 9.51
CA HIS A 82 -0.40 0.61 10.58
C HIS A 82 0.42 1.00 11.80
N ALA A 83 1.60 1.58 11.57
CA ALA A 83 2.44 2.06 12.67
C ALA A 83 1.67 3.13 13.42
N LEU A 84 1.06 4.05 12.69
CA LEU A 84 0.24 5.12 13.30
C LEU A 84 -0.95 4.57 14.12
N ALA A 85 -1.68 3.61 13.55
CA ALA A 85 -2.79 2.99 14.27
C ALA A 85 -2.31 2.31 15.57
N SER A 86 -1.14 1.67 15.50
CA SER A 86 -0.59 0.93 16.62
C SER A 86 -0.19 1.85 17.76
N VAL A 87 0.55 2.90 17.45
CA VAL A 87 1.00 3.81 18.51
C VAL A 87 -0.23 4.51 19.11
N ARG A 88 -1.20 4.87 18.28
CA ARG A 88 -2.45 5.43 18.77
C ARG A 88 -3.17 4.46 19.72
N ALA A 89 -3.21 3.17 19.35
CA ALA A 89 -3.88 2.17 20.15
C ALA A 89 -3.18 1.98 21.51
N VAL A 90 -1.85 1.96 21.50
CA VAL A 90 -1.09 1.83 22.75
C VAL A 90 -1.25 3.07 23.62
N GLU A 91 -1.14 4.24 23.01
CA GLU A 91 -1.36 5.51 23.71
C GLU A 91 -2.76 5.60 24.31
N ASN A 92 -3.77 5.13 23.57
CA ASN A 92 -5.14 5.08 24.07
C ASN A 92 -5.27 4.13 25.28
N ALA A 93 -4.65 2.97 25.18
CA ALA A 93 -4.67 1.99 26.27
C ALA A 93 -4.01 2.53 27.54
N LEU A 94 -2.91 3.25 27.36
CA LEU A 94 -2.11 3.74 28.48
C LEU A 94 -2.36 5.19 28.91
N ASP A 95 -3.37 5.83 28.32
N ASP A 95 -3.39 5.83 28.35
CA ASP A 95 -3.73 7.23 28.61
CA ASP A 95 -3.73 7.24 28.64
C ASP A 95 -2.51 8.15 28.40
C ASP A 95 -2.56 8.19 28.37
N ILE A 96 -1.93 8.07 27.21
CA ILE A 96 -0.77 8.88 26.85
C ILE A 96 -1.19 9.93 25.84
N ARG A 97 -0.95 11.21 26.14
CA ARG A 97 -1.20 12.30 25.21
C ARG A 97 0.14 12.75 24.62
N ILE A 98 0.24 12.70 23.30
CA ILE A 98 1.47 13.10 22.61
C ILE A 98 1.54 14.63 22.48
N PRO A 99 2.76 15.19 22.39
CA PRO A 99 2.87 16.65 22.25
C PRO A 99 2.47 17.14 20.86
N LYS A 100 2.18 18.43 20.78
CA LYS A 100 1.63 19.03 19.56
C LYS A 100 2.51 18.79 18.35
N ASN A 101 3.83 18.88 18.51
CA ASN A 101 4.73 18.70 17.37
C ASN A 101 4.67 17.26 16.86
N ALA A 102 4.56 16.30 17.78
CA ALA A 102 4.42 14.90 17.38
C ALA A 102 3.13 14.67 16.60
N HIS A 103 2.03 15.23 17.10
CA HIS A 103 0.75 15.18 16.40
C HIS A 103 0.89 15.72 14.96
N LEU A 104 1.45 16.91 14.81
CA LEU A 104 1.60 17.52 13.49
C LEU A 104 2.53 16.75 12.54
N ILE A 105 3.63 16.22 13.06
CA ILE A 105 4.55 15.43 12.22
C ILE A 105 3.88 14.15 11.75
N ARG A 106 3.19 13.47 12.65
CA ARG A 106 2.40 12.28 12.26
C ARG A 106 1.34 12.61 11.19
N GLU A 107 0.65 13.74 11.34
CA GLU A 107 -0.35 14.16 10.35
C GLU A 107 0.28 14.43 8.98
N ILE A 108 1.45 15.11 8.99
CA ILE A 108 2.18 15.38 7.76
C ILE A 108 2.63 14.05 7.11
N MET A 109 3.12 13.12 7.91
CA MET A 109 3.51 11.81 7.39
C MET A 109 2.31 11.07 6.81
N ALA A 110 1.16 11.17 7.48
CA ALA A 110 -0.03 10.46 7.02
C ALA A 110 -0.50 11.03 5.70
N LYS A 111 -0.49 12.36 5.58
CA LYS A 111 -0.98 13.03 4.39
C LYS A 111 -0.05 12.82 3.21
N THR A 112 1.25 12.71 3.50
CA THR A 112 2.27 12.36 2.50
C THR A 112 2.00 10.95 1.94
N LEU A 113 1.70 10.01 2.83
CA LEU A 113 1.37 8.66 2.40
C LEU A 113 0.14 8.66 1.51
N GLN A 114 -0.87 9.44 1.89
CA GLN A 114 -2.12 9.53 1.12
C GLN A 114 -1.82 9.95 -0.31
N VAL A 115 -1.06 11.02 -0.43
CA VAL A 115 -0.70 11.53 -1.76
C VAL A 115 0.09 10.51 -2.55
N HIS A 116 1.14 9.97 -1.94
CA HIS A 116 2.01 9.03 -2.66
C HIS A 116 1.24 7.78 -3.08
N ASP A 117 0.50 7.23 -2.15
CA ASP A 117 -0.28 6.02 -2.38
C ASP A 117 -1.34 6.27 -3.45
N HIS A 118 -2.09 7.36 -3.33
CA HIS A 118 -3.15 7.65 -4.31
C HIS A 118 -2.61 7.85 -5.72
N ALA A 119 -1.58 8.68 -5.86
CA ALA A 119 -1.03 9.02 -7.17
C ALA A 119 -0.37 7.84 -7.87
N VAL A 120 0.45 7.07 -7.13
CA VAL A 120 1.06 5.86 -7.67
C VAL A 120 0.00 4.83 -8.03
N HIS A 121 -1.01 4.69 -7.19
CA HIS A 121 -2.07 3.77 -7.52
C HIS A 121 -2.68 4.12 -8.87
N PHE A 122 -3.06 5.38 -9.04
CA PHE A 122 -3.82 5.72 -10.21
C PHE A 122 -2.98 5.50 -11.46
N TYR A 123 -1.77 6.02 -11.46
CA TYR A 123 -0.94 5.93 -12.67
C TYR A 123 -0.40 4.53 -12.92
N HIS A 124 0.17 3.91 -11.90
CA HIS A 124 0.94 2.69 -12.10
C HIS A 124 0.15 1.41 -11.91
N LEU A 125 -0.97 1.47 -11.19
CA LEU A 125 -1.82 0.30 -11.03
C LEU A 125 -3.15 0.44 -11.80
N HIS A 126 -3.76 1.62 -11.80
CA HIS A 126 -5.12 1.77 -12.33
C HIS A 126 -5.20 2.18 -13.79
N ALA A 127 -4.27 3.01 -14.24
CA ALA A 127 -4.42 3.71 -15.53
C ALA A 127 -4.54 2.76 -16.73
N LEU A 128 -3.80 1.65 -16.71
CA LEU A 128 -3.87 0.67 -17.83
C LEU A 128 -5.23 -0.05 -17.96
N ASP A 129 -6.17 0.22 -17.05
CA ASP A 129 -7.55 -0.23 -17.21
C ASP A 129 -8.38 0.74 -18.02
N TRP A 130 -7.90 1.99 -18.10
CA TRP A 130 -8.58 3.06 -18.82
C TRP A 130 -7.83 3.45 -20.10
N VAL A 131 -6.50 3.21 -20.10
CA VAL A 131 -5.59 3.73 -21.11
C VAL A 131 -5.03 2.59 -21.95
N ASP A 132 -5.11 2.74 -23.27
CA ASP A 132 -4.52 1.78 -24.21
C ASP A 132 -3.16 2.31 -24.65
N VAL A 133 -2.11 1.64 -24.19
CA VAL A 133 -0.72 2.04 -24.46
CA VAL A 133 -0.74 2.06 -24.47
C VAL A 133 -0.39 1.93 -25.95
N MET A 134 -0.92 0.90 -26.61
CA MET A 134 -0.67 0.74 -28.05
C MET A 134 -1.36 1.83 -28.86
N SER A 135 -2.50 2.31 -28.36
CA SER A 135 -3.20 3.42 -29.02
C SER A 135 -2.38 4.71 -28.95
N ALA A 136 -1.67 4.89 -27.84
CA ALA A 136 -0.79 6.05 -27.67
C ALA A 136 0.28 6.13 -28.77
N LEU A 137 0.71 4.99 -29.31
CA LEU A 137 1.71 4.95 -30.38
C LEU A 137 1.21 5.59 -31.67
N LYS A 138 -0.11 5.63 -31.85
CA LYS A 138 -0.72 6.20 -33.06
C LYS A 138 -1.15 7.65 -32.87
N ALA A 139 -0.93 8.22 -31.68
CA ALA A 139 -1.38 9.58 -31.40
C ALA A 139 -0.56 10.59 -32.20
N ASP A 140 -1.21 11.69 -32.57
CA ASP A 140 -0.50 12.81 -33.17
C ASP A 140 0.08 13.66 -32.05
N PRO A 141 1.42 13.89 -32.07
CA PRO A 141 2.02 14.70 -31.00
C PRO A 141 1.43 16.13 -30.88
N LYS A 142 1.09 16.72 -32.01
CA LYS A 142 0.50 18.07 -32.03
C LYS A 142 -0.86 18.08 -31.33
N ARG A 143 -1.72 17.13 -31.69
CA ARG A 143 -3.06 17.03 -31.09
C ARG A 143 -2.98 16.72 -29.60
N THR A 144 -2.00 15.89 -29.22
CA THR A 144 -1.74 15.58 -27.81
C THR A 144 -1.35 16.83 -27.02
N SER A 145 -0.48 17.64 -27.61
CA SER A 145 -0.11 18.95 -27.04
C SER A 145 -1.34 19.85 -26.84
N GLU A 146 -2.23 19.87 -27.83
CA GLU A 146 -3.44 20.69 -27.76
C GLU A 146 -4.41 20.14 -26.71
N LEU A 147 -4.50 18.82 -26.60
CA LEU A 147 -5.31 18.20 -25.57
C LEU A 147 -4.80 18.56 -24.17
N GLN A 148 -3.49 18.45 -23.99
CA GLN A 148 -2.84 18.78 -22.72
C GLN A 148 -3.16 20.22 -22.27
N GLN A 149 -3.10 21.17 -23.19
CA GLN A 149 -3.38 22.58 -22.87
C GLN A 149 -4.83 22.80 -22.43
N LEU A 150 -5.77 22.04 -23.00
CA LEU A 150 -7.19 22.11 -22.59
C LEU A 150 -7.46 21.42 -21.24
N VAL A 151 -6.82 20.27 -21.04
CA VAL A 151 -7.03 19.48 -19.81
C VAL A 151 -6.44 20.18 -18.59
N SER A 152 -5.22 20.71 -18.74
CA SER A 152 -4.52 21.38 -17.64
C SER A 152 -3.62 22.48 -18.20
N PRO A 153 -4.16 23.70 -18.35
CA PRO A 153 -3.41 24.84 -18.90
C PRO A 153 -2.10 25.16 -18.18
N ALA A 154 -2.06 24.93 -16.86
CA ALA A 154 -0.91 25.31 -16.04
C ALA A 154 0.25 24.31 -16.06
N HIS A 155 0.02 23.10 -16.58
CA HIS A 155 1.09 22.09 -16.61
C HIS A 155 2.14 22.47 -17.67
N PRO A 156 3.40 22.75 -17.24
CA PRO A 156 4.41 23.26 -18.18
C PRO A 156 4.87 22.29 -19.27
N LEU A 157 4.77 20.98 -19.02
CA LEU A 157 5.24 19.98 -19.99
C LEU A 157 4.13 19.66 -20.99
N SER A 158 4.02 20.48 -22.03
CA SER A 158 2.88 20.39 -22.98
C SER A 158 3.22 20.47 -24.48
N SER A 159 4.49 20.65 -24.84
CA SER A 159 4.84 20.86 -26.25
C SER A 159 4.77 19.57 -27.08
N ALA A 160 4.58 19.72 -28.38
CA ALA A 160 4.46 18.58 -29.30
C ALA A 160 5.74 17.74 -29.33
N GLY A 161 6.89 18.42 -29.34
CA GLY A 161 8.19 17.76 -29.33
C GLY A 161 8.39 16.88 -28.11
N TYR A 162 7.95 17.36 -26.96
CA TYR A 162 8.02 16.59 -25.71
C TYR A 162 7.18 15.31 -25.81
N PHE A 163 5.97 15.43 -26.36
CA PHE A 163 5.11 14.26 -26.56
C PHE A 163 5.65 13.32 -27.66
N ARG A 164 6.29 13.89 -28.67
CA ARG A 164 6.94 13.12 -29.73
C ARG A 164 8.11 12.29 -29.17
N ASP A 165 8.92 12.93 -28.31
CA ASP A 165 10.04 12.25 -27.66
CA ASP A 165 10.04 12.26 -27.66
C ASP A 165 9.57 11.05 -26.84
N ILE A 166 8.56 11.25 -26.00
CA ILE A 166 8.02 10.16 -25.17
C ILE A 166 7.44 9.06 -26.06
N GLN A 167 6.70 9.46 -27.08
CA GLN A 167 6.10 8.52 -28.04
C GLN A 167 7.14 7.63 -28.72
N ASN A 168 8.27 8.22 -29.12
CA ASN A 168 9.31 7.46 -29.82
C ASN A 168 9.99 6.42 -28.92
N ARG A 169 10.28 6.78 -27.67
CA ARG A 169 10.86 5.82 -26.73
C ARG A 169 9.92 4.64 -26.49
N LEU A 170 8.64 4.96 -26.35
CA LEU A 170 7.60 3.94 -26.23
C LEU A 170 7.61 3.04 -27.47
N LYS A 171 7.67 3.68 -28.63
CA LYS A 171 7.67 2.96 -29.91
C LYS A 171 8.87 2.02 -30.03
N ARG A 172 10.07 2.54 -29.73
CA ARG A 172 11.29 1.73 -29.80
CA ARG A 172 11.31 1.74 -29.79
C ARG A 172 11.21 0.55 -28.84
N PHE A 173 10.72 0.83 -27.63
CA PHE A 173 10.50 -0.20 -26.59
C PHE A 173 9.60 -1.31 -27.12
N VAL A 174 8.48 -0.93 -27.73
CA VAL A 174 7.53 -1.89 -28.28
C VAL A 174 8.12 -2.62 -29.49
N GLU A 175 8.79 -1.85 -30.37
CA GLU A 175 9.44 -2.42 -31.56
C GLU A 175 10.60 -3.38 -31.24
N SER A 176 11.10 -3.33 -30.00
CA SER A 176 12.13 -4.27 -29.54
C SER A 176 11.63 -5.72 -29.46
N GLY A 177 10.31 -5.90 -29.30
CA GLY A 177 9.73 -7.23 -29.12
C GLY A 177 9.69 -7.70 -27.67
N GLN A 178 10.34 -6.95 -26.76
CA GLN A 178 10.26 -7.22 -25.32
C GLN A 178 9.36 -6.16 -24.68
N LEU A 179 8.08 -6.50 -24.52
CA LEU A 179 7.08 -5.53 -24.05
C LEU A 179 7.04 -5.38 -22.53
N GLY A 180 7.74 -6.26 -21.81
CA GLY A 180 7.84 -6.16 -20.35
C GLY A 180 6.46 -6.11 -19.70
N PRO A 181 6.19 -5.04 -18.91
CA PRO A 181 4.87 -4.89 -18.24
C PRO A 181 3.65 -4.80 -19.16
N PHE A 182 3.85 -4.54 -20.45
CA PHE A 182 2.75 -4.46 -21.42
C PHE A 182 2.50 -5.76 -22.18
N MET A 183 3.30 -6.79 -21.87
CA MET A 183 3.18 -8.08 -22.56
CA MET A 183 3.20 -8.09 -22.53
C MET A 183 1.81 -8.72 -22.30
N ASN A 184 1.23 -9.27 -23.36
CA ASN A 184 -0.09 -9.95 -23.30
C ASN A 184 -1.23 -9.09 -22.73
N GLY A 185 -1.15 -7.77 -22.91
CA GLY A 185 -2.18 -6.86 -22.42
C GLY A 185 -3.44 -6.98 -23.26
N TYR A 186 -4.50 -6.27 -22.87
CA TYR A 186 -5.80 -6.38 -23.54
C TYR A 186 -5.99 -5.25 -24.56
N TRP A 187 -4.88 -4.72 -25.07
CA TRP A 187 -4.86 -3.57 -25.98
C TRP A 187 -5.75 -3.84 -27.20
N GLY A 188 -6.45 -2.79 -27.64
CA GLY A 188 -7.37 -2.91 -28.77
C GLY A 188 -8.77 -3.36 -28.41
N SER A 189 -9.01 -3.74 -27.16
CA SER A 189 -10.35 -4.10 -26.71
C SER A 189 -11.29 -2.92 -26.86
N LYS A 190 -12.53 -3.20 -27.24
CA LYS A 190 -13.57 -2.16 -27.34
C LYS A 190 -13.96 -1.56 -25.99
N ALA A 191 -13.54 -2.21 -24.90
CA ALA A 191 -13.72 -1.63 -23.55
C ALA A 191 -12.89 -0.35 -23.35
N TYR A 192 -11.84 -0.19 -24.15
CA TYR A 192 -11.06 1.04 -24.17
C TYR A 192 -11.75 2.05 -25.09
N VAL A 193 -11.96 3.27 -24.59
CA VAL A 193 -12.70 4.28 -25.36
C VAL A 193 -11.93 5.58 -25.63
N LEU A 194 -10.74 5.76 -25.05
CA LEU A 194 -10.03 7.04 -25.18
C LEU A 194 -9.45 7.17 -26.57
N PRO A 195 -9.41 8.41 -27.12
CA PRO A 195 -8.68 8.60 -28.36
C PRO A 195 -7.16 8.48 -28.14
N PRO A 196 -6.41 8.22 -29.22
CA PRO A 196 -4.95 8.09 -29.14
C PRO A 196 -4.24 9.21 -28.35
N GLU A 197 -4.66 10.45 -28.57
CA GLU A 197 -4.04 11.63 -27.94
C GLU A 197 -4.15 11.57 -26.42
N ALA A 198 -5.32 11.18 -25.93
CA ALA A 198 -5.57 11.03 -24.49
C ALA A 198 -4.71 9.92 -23.92
N ASN A 199 -4.62 8.80 -24.64
CA ASN A 199 -3.75 7.71 -24.25
C ASN A 199 -2.27 8.14 -24.12
N LEU A 200 -1.76 8.88 -25.12
CA LEU A 200 -0.37 9.35 -25.09
CA LEU A 200 -0.37 9.35 -25.09
C LEU A 200 -0.15 10.31 -23.91
N MET A 201 -1.11 11.21 -23.68
CA MET A 201 -1.01 12.14 -22.55
C MET A 201 -0.89 11.37 -21.23
N ALA A 202 -1.76 10.39 -21.04
CA ALA A 202 -1.81 9.58 -19.83
C ALA A 202 -0.52 8.77 -19.63
N VAL A 203 -0.03 8.13 -20.69
CA VAL A 203 1.22 7.35 -20.65
C VAL A 203 2.38 8.26 -20.26
N THR A 204 2.40 9.46 -20.83
CA THR A 204 3.44 10.44 -20.52
C THR A 204 3.41 10.78 -19.01
N HIS A 205 2.22 10.93 -18.46
CA HIS A 205 2.09 11.25 -17.04
C HIS A 205 2.44 10.04 -16.16
N TYR A 206 2.16 8.83 -16.65
CA TYR A 206 2.60 7.59 -16.01
C TYR A 206 4.12 7.64 -15.80
N LEU A 207 4.86 8.07 -16.84
CA LEU A 207 6.32 8.15 -16.75
C LEU A 207 6.76 9.30 -15.85
N GLU A 208 6.12 10.46 -15.98
CA GLU A 208 6.42 11.60 -15.09
C GLU A 208 6.24 11.24 -13.62
N ALA A 209 5.12 10.60 -13.30
CA ALA A 209 4.80 10.23 -11.92
C ALA A 209 5.76 9.18 -11.36
N LEU A 210 6.22 8.25 -12.19
CA LEU A 210 7.18 7.23 -11.74
C LEU A 210 8.48 7.90 -11.24
N ASP A 211 8.93 8.92 -11.96
CA ASP A 211 10.12 9.69 -11.57
C ASP A 211 9.86 10.58 -10.34
N LEU A 212 8.68 11.19 -10.25
CA LEU A 212 8.39 12.17 -9.19
C LEU A 212 8.04 11.56 -7.85
N GLN A 213 7.41 10.38 -7.86
CA GLN A 213 6.93 9.75 -6.61
C GLN A 213 8.04 9.55 -5.58
N LYS A 214 9.26 9.33 -6.05
CA LYS A 214 10.39 9.11 -5.15
C LYS A 214 10.78 10.36 -4.37
N GLU A 215 10.39 11.53 -4.88
CA GLU A 215 10.70 12.81 -4.21
C GLU A 215 9.75 13.05 -3.04
N TRP A 216 8.48 12.73 -3.23
CA TRP A 216 7.45 13.01 -2.23
C TRP A 216 7.75 12.29 -0.90
N VAL A 217 8.22 11.05 -0.99
CA VAL A 217 8.47 10.24 0.19
C VAL A 217 9.66 10.71 1.03
N LYS A 218 10.50 11.61 0.50
CA LYS A 218 11.60 12.17 1.28
C LYS A 218 11.10 12.90 2.54
N ILE A 219 9.82 13.28 2.57
CA ILE A 219 9.19 13.81 3.78
C ILE A 219 9.19 12.73 4.89
N HIS A 220 8.78 11.53 4.54
CA HIS A 220 8.90 10.38 5.45
C HIS A 220 10.34 10.17 5.89
N THR A 221 11.27 10.30 4.95
CA THR A 221 12.67 10.03 5.25
C THR A 221 13.20 11.01 6.30
N ILE A 222 12.81 12.27 6.19
CA ILE A 222 13.23 13.27 7.18
C ILE A 222 12.72 12.94 8.58
N PHE A 223 11.42 12.70 8.70
CA PHE A 223 10.81 12.50 10.01
C PHE A 223 10.94 11.08 10.55
N GLY A 224 11.04 10.10 9.65
CA GLY A 224 11.02 8.69 10.04
C GLY A 224 12.18 7.85 9.57
N GLY A 225 13.20 8.48 8.98
CA GLY A 225 14.46 7.82 8.68
C GLY A 225 14.56 7.13 7.33
N LYS A 226 13.43 6.66 6.80
CA LYS A 226 13.42 5.79 5.63
C LYS A 226 12.01 5.66 5.07
N ASN A 227 11.93 5.43 3.76
CA ASN A 227 10.71 5.00 3.09
C ASN A 227 11.08 3.98 2.01
N PRO A 228 10.41 2.82 1.98
CA PRO A 228 9.32 2.41 2.89
C PRO A 228 9.69 2.16 4.35
N HIS A 229 8.65 2.04 5.18
CA HIS A 229 8.71 1.70 6.61
C HIS A 229 9.45 2.69 7.51
N PRO A 230 8.97 3.94 7.55
CA PRO A 230 9.52 4.94 8.46
C PRO A 230 9.27 4.56 9.93
N ASN A 231 10.12 5.06 10.81
CA ASN A 231 10.01 4.75 12.23
C ASN A 231 9.01 5.63 12.96
N TYR A 232 8.29 5.00 13.88
CA TYR A 232 7.32 5.64 14.76
C TYR A 232 7.74 5.41 16.21
N LEU A 233 6.94 5.92 17.14
CA LEU A 233 7.29 5.87 18.55
C LEU A 233 6.07 6.01 19.43
N VAL A 234 5.91 5.12 20.41
CA VAL A 234 4.85 5.27 21.40
C VAL A 234 5.20 6.49 22.27
N GLY A 235 4.31 7.48 22.25
CA GLY A 235 4.46 8.71 23.03
C GLY A 235 4.84 9.95 22.22
N GLY A 236 5.11 9.79 20.93
CA GLY A 236 5.50 10.94 20.09
C GLY A 236 6.21 10.54 18.82
N VAL A 237 7.30 11.24 18.49
CA VAL A 237 8.12 10.94 17.33
C VAL A 237 9.59 10.97 17.74
N PRO A 238 10.44 10.18 17.07
CA PRO A 238 11.86 10.16 17.47
C PRO A 238 12.70 11.31 16.94
N CYS A 239 12.16 12.08 16.02
CA CYS A 239 12.92 13.11 15.30
C CYS A 239 12.95 14.41 16.09
N ALA A 240 13.82 14.43 17.10
CA ALA A 240 13.95 15.56 18.02
C ALA A 240 14.36 16.85 17.30
N ILE A 241 13.93 17.96 17.88
CA ILE A 241 14.02 19.28 17.23
C ILE A 241 15.05 20.16 17.91
N ASN A 242 15.88 20.79 17.07
CA ASN A 242 16.84 21.79 17.51
C ASN A 242 17.02 22.70 16.31
N LEU A 243 16.28 23.79 16.30
CA LEU A 243 16.27 24.72 15.17
C LEU A 243 17.66 25.31 14.94
N ASP A 244 18.45 25.35 16.03
CA ASP A 244 19.62 26.19 16.14
C ASP A 244 20.84 25.47 16.72
N GLY A 247 23.97 24.23 17.86
CA GLY A 247 24.18 22.91 17.26
C GLY A 247 22.93 22.35 16.62
N ALA A 248 22.42 23.05 15.60
CA ALA A 248 21.18 22.67 14.89
C ALA A 248 21.36 21.40 14.09
N ALA A 249 22.42 21.36 13.29
CA ALA A 249 22.68 20.27 12.34
C ALA A 249 22.83 18.89 12.99
N SER A 250 23.03 18.88 14.30
CA SER A 250 23.16 17.64 15.07
C SER A 250 21.82 17.01 15.45
N ALA A 251 20.72 17.77 15.44
CA ALA A 251 19.39 17.21 15.73
C ALA A 251 18.70 16.71 14.46
N PRO A 252 17.83 15.68 14.59
CA PRO A 252 17.07 15.20 13.46
C PRO A 252 16.30 16.27 12.71
N VAL A 253 15.67 17.21 13.43
CA VAL A 253 14.88 18.25 12.80
C VAL A 253 15.40 19.63 13.18
N ASN A 254 15.79 20.37 12.16
CA ASN A 254 16.18 21.77 12.28
CA ASN A 254 16.19 21.77 12.28
C ASN A 254 15.45 22.55 11.19
N MET A 255 15.69 23.86 11.10
CA MET A 255 14.94 24.67 10.14
CA MET A 255 14.93 24.67 10.14
C MET A 255 15.19 24.26 8.69
N GLU A 256 16.43 23.91 8.37
CA GLU A 256 16.78 23.51 6.99
C GLU A 256 16.04 22.24 6.59
N ARG A 257 15.93 21.28 7.50
CA ARG A 257 15.15 20.07 7.22
C ARG A 257 13.66 20.40 7.01
N LEU A 258 13.14 21.33 7.81
CA LEU A 258 11.75 21.76 7.66
C LEU A 258 11.52 22.52 6.34
N SER A 259 12.48 23.34 5.92
CA SER A 259 12.40 24.00 4.60
C SER A 259 12.37 22.96 3.47
N PHE A 260 13.17 21.91 3.61
CA PHE A 260 13.21 20.83 2.62
C PHE A 260 11.85 20.16 2.49
N VAL A 261 11.25 19.83 3.64
CA VAL A 261 9.88 19.28 3.68
C VAL A 261 8.89 20.20 2.95
N LYS A 262 8.95 21.50 3.22
CA LYS A 262 8.03 22.46 2.58
C LYS A 262 8.19 22.48 1.05
N ALA A 263 9.43 22.41 0.59
CA ALA A 263 9.69 22.34 -0.86
C ALA A 263 9.02 21.10 -1.49
N ARG A 264 9.07 19.98 -0.79
CA ARG A 264 8.44 18.75 -1.28
C ARG A 264 6.92 18.88 -1.25
N ILE A 265 6.37 19.52 -0.21
CA ILE A 265 4.92 19.73 -0.12
C ILE A 265 4.43 20.60 -1.28
N ASP A 266 5.15 21.67 -1.56
CA ASP A 266 4.79 22.58 -2.65
C ASP A 266 4.77 21.84 -4.01
N GLU A 267 5.72 20.94 -4.20
CA GLU A 267 5.78 20.12 -5.42
C GLU A 267 4.56 19.21 -5.52
N ILE A 268 4.20 18.58 -4.40
CA ILE A 268 3.01 17.73 -4.31
C ILE A 268 1.76 18.48 -4.73
N ILE A 269 1.59 19.68 -4.19
CA ILE A 269 0.42 20.51 -4.48
C ILE A 269 0.33 20.80 -5.98
N GLU A 270 1.47 21.07 -6.58
CA GLU A 270 1.55 21.28 -8.03
C GLU A 270 1.13 20.05 -8.84
N PHE A 271 1.66 18.90 -8.47
CA PHE A 271 1.35 17.67 -9.18
C PHE A 271 -0.13 17.32 -9.10
N ASN A 272 -0.71 17.40 -7.90
CA ASN A 272 -2.14 17.09 -7.73
C ASN A 272 -3.03 18.00 -8.54
N LYS A 273 -2.72 19.29 -8.51
CA LYS A 273 -3.53 20.30 -9.17
C LYS A 273 -3.35 20.28 -10.69
N ASN A 274 -2.13 20.03 -11.19
CA ASN A 274 -1.84 20.16 -12.63
C ASN A 274 -1.82 18.86 -13.42
N VAL A 275 -1.57 17.73 -12.77
CA VAL A 275 -1.43 16.46 -13.48
C VAL A 275 -2.55 15.48 -13.08
N TYR A 276 -2.63 15.16 -11.80
CA TYR A 276 -3.47 14.05 -11.31
C TYR A 276 -4.97 14.34 -11.41
N VAL A 277 -5.43 15.39 -10.74
CA VAL A 277 -6.86 15.72 -10.74
C VAL A 277 -7.37 15.99 -12.18
N PRO A 278 -6.64 16.79 -12.98
CA PRO A 278 -7.12 17.02 -14.36
C PRO A 278 -7.20 15.77 -15.23
N ASP A 279 -6.22 14.87 -15.11
CA ASP A 279 -6.26 13.60 -15.85
C ASP A 279 -7.49 12.78 -15.48
N VAL A 280 -7.76 12.66 -14.17
CA VAL A 280 -8.90 11.87 -13.72
C VAL A 280 -10.23 12.52 -14.15
N LEU A 281 -10.32 13.84 -14.06
CA LEU A 281 -11.50 14.55 -14.55
C LEU A 281 -11.72 14.30 -16.05
N ALA A 282 -10.64 14.32 -16.82
CA ALA A 282 -10.73 14.16 -18.29
C ALA A 282 -11.06 12.73 -18.68
N ILE A 283 -10.37 11.77 -18.09
CA ILE A 283 -10.63 10.36 -18.35
C ILE A 283 -12.06 10.01 -17.90
N GLY A 284 -12.43 10.46 -16.69
CA GLY A 284 -13.79 10.26 -16.18
C GLY A 284 -14.89 10.80 -17.08
N THR A 285 -14.67 12.00 -17.61
CA THR A 285 -15.60 12.62 -18.55
C THR A 285 -15.80 11.75 -19.80
N LEU A 286 -14.70 11.27 -20.37
CA LEU A 286 -14.75 10.47 -21.59
C LEU A 286 -15.45 9.12 -21.36
N TYR A 287 -15.16 8.46 -20.24
CA TYR A 287 -15.83 7.18 -19.94
C TYR A 287 -17.31 7.41 -19.54
N LYS A 288 -17.59 8.54 -18.88
CA LYS A 288 -18.98 8.95 -18.64
C LYS A 288 -19.75 9.12 -19.95
N GLN A 289 -19.13 9.80 -20.92
CA GLN A 289 -19.74 10.03 -22.24
C GLN A 289 -20.01 8.71 -22.95
N ALA A 290 -19.14 7.73 -22.76
CA ALA A 290 -19.36 6.37 -23.27
C ALA A 290 -20.44 5.59 -22.49
N GLY A 291 -20.96 6.17 -21.41
CA GLY A 291 -22.01 5.53 -20.61
C GLY A 291 -21.52 4.49 -19.59
N TRP A 292 -20.23 4.52 -19.25
CA TRP A 292 -19.66 3.50 -18.37
C TRP A 292 -19.75 3.93 -16.90
N LEU A 293 -20.97 3.88 -16.35
CA LEU A 293 -21.26 4.32 -14.96
C LEU A 293 -21.47 3.15 -14.01
N TYR A 294 -20.97 1.99 -14.41
CA TYR A 294 -21.03 0.78 -13.60
C TYR A 294 -20.12 0.85 -12.37
N GLY A 295 -20.29 -0.12 -11.47
CA GLY A 295 -19.37 -0.31 -10.36
C GLY A 295 -19.71 0.34 -9.04
N GLY A 296 -20.89 0.94 -8.94
CA GLY A 296 -21.31 1.61 -7.70
C GLY A 296 -21.35 0.71 -6.48
N GLY A 297 -21.89 -0.50 -6.64
CA GLY A 297 -21.93 -1.48 -5.57
C GLY A 297 -22.61 -0.93 -4.33
N LEU A 298 -21.94 -1.10 -3.17
CA LEU A 298 -22.49 -0.62 -1.89
C LEU A 298 -22.38 0.89 -1.68
N ALA A 299 -21.58 1.57 -2.49
CA ALA A 299 -21.45 3.03 -2.37
C ALA A 299 -22.79 3.76 -2.54
N ALA A 300 -23.69 3.15 -3.31
CA ALA A 300 -25.03 3.67 -3.51
C ALA A 300 -25.90 3.60 -2.24
N THR A 301 -25.51 2.77 -1.27
CA THR A 301 -26.30 2.62 -0.05
C THR A 301 -25.53 2.86 1.24
N ASN A 302 -24.48 2.07 1.48
CA ASN A 302 -23.87 1.96 2.80
C ASN A 302 -22.38 2.33 2.77
N VAL A 303 -22.01 3.44 3.43
CA VAL A 303 -20.60 3.86 3.51
C VAL A 303 -20.18 4.19 4.92
N LEU A 304 -18.90 3.96 5.23
CA LEU A 304 -18.37 4.14 6.58
C LEU A 304 -16.95 4.64 6.57
N ASP A 305 -16.65 5.54 7.52
CA ASP A 305 -15.27 5.90 7.87
C ASP A 305 -15.28 6.33 9.33
N TYR A 306 -14.16 6.14 10.03
CA TYR A 306 -14.06 6.56 11.42
C TYR A 306 -13.95 8.08 11.61
N GLY A 307 -13.55 8.79 10.57
CA GLY A 307 -13.35 10.23 10.65
C GLY A 307 -11.92 10.54 11.06
N GLU A 308 -11.34 11.58 10.47
CA GLU A 308 -9.93 11.82 10.62
C GLU A 308 -9.55 13.30 10.42
N TYR A 309 -8.34 13.62 10.86
CA TYR A 309 -7.66 14.90 10.63
C TYR A 309 -8.33 16.04 11.39
N PRO A 310 -8.40 15.90 12.72
CA PRO A 310 -8.99 16.97 13.53
C PRO A 310 -8.07 18.19 13.48
N ASN A 311 -8.60 19.36 13.19
CA ASN A 311 -7.72 20.54 13.23
C ASN A 311 -7.41 20.94 14.69
N VAL A 312 -8.15 20.38 15.65
CA VAL A 312 -7.77 20.43 17.07
C VAL A 312 -7.55 19.01 17.56
N ALA A 313 -6.31 18.69 17.94
CA ALA A 313 -5.95 17.32 18.34
C ALA A 313 -6.86 16.80 19.45
N TYR A 314 -7.16 15.49 19.38
CA TYR A 314 -8.05 14.82 20.35
C TYR A 314 -9.49 15.38 20.42
N ASN A 315 -9.90 16.14 19.41
CA ASN A 315 -11.26 16.69 19.34
C ASN A 315 -11.90 16.29 18.01
N LYS A 316 -12.63 15.18 18.04
CA LYS A 316 -13.19 14.58 16.81
CA LYS A 316 -13.21 14.57 16.84
C LYS A 316 -14.24 15.46 16.14
N SER A 317 -14.90 16.33 16.89
CA SER A 317 -15.87 17.24 16.28
C SER A 317 -15.20 18.14 15.23
N THR A 318 -13.87 18.31 15.32
CA THR A 318 -13.12 19.13 14.35
C THR A 318 -12.48 18.34 13.17
N ASP A 319 -12.83 17.06 13.02
CA ASP A 319 -12.33 16.24 11.90
C ASP A 319 -12.56 16.91 10.54
N GLN A 320 -11.49 17.07 9.76
CA GLN A 320 -11.56 17.68 8.42
C GLN A 320 -11.99 16.68 7.34
N LEU A 321 -11.92 15.39 7.65
CA LEU A 321 -12.65 14.34 6.92
C LEU A 321 -13.58 13.70 7.91
N PRO A 322 -14.75 14.33 8.15
CA PRO A 322 -15.64 13.82 9.19
C PRO A 322 -16.30 12.52 8.76
N GLY A 323 -16.38 11.60 9.72
CA GLY A 323 -16.79 10.23 9.45
C GLY A 323 -18.15 9.90 9.99
N GLY A 324 -18.39 8.61 10.18
CA GLY A 324 -19.67 8.10 10.58
C GLY A 324 -20.10 7.05 9.59
N ALA A 325 -21.39 6.75 9.60
CA ALA A 325 -21.99 5.75 8.73
C ALA A 325 -23.28 6.26 8.08
N ILE A 326 -23.43 5.95 6.79
CA ILE A 326 -24.65 6.20 6.04
C ILE A 326 -25.21 4.83 5.64
N LEU A 327 -26.53 4.71 5.73
CA LEU A 327 -27.24 3.49 5.37
C LEU A 327 -28.31 3.80 4.34
N ASN A 328 -28.56 2.84 3.45
CA ASN A 328 -29.69 2.86 2.52
C ASN A 328 -29.72 4.08 1.59
N GLY A 329 -28.55 4.66 1.36
CA GLY A 329 -28.43 5.81 0.47
C GLY A 329 -29.08 7.09 0.99
N ASN A 330 -29.34 7.13 2.30
CA ASN A 330 -29.91 8.32 2.93
C ASN A 330 -28.76 9.23 3.38
N TRP A 331 -28.42 10.20 2.53
CA TRP A 331 -27.34 11.14 2.80
C TRP A 331 -27.76 12.27 3.76
N ASP A 332 -29.02 12.24 4.20
CA ASP A 332 -29.50 13.20 5.20
C ASP A 332 -29.27 12.77 6.64
N GLU A 333 -28.78 11.53 6.85
CA GLU A 333 -28.57 11.02 8.22
C GLU A 333 -27.24 10.28 8.35
N VAL A 334 -26.31 10.89 9.08
CA VAL A 334 -25.02 10.25 9.33
C VAL A 334 -25.00 9.72 10.76
N PHE A 335 -24.91 8.41 10.91
CA PHE A 335 -24.87 7.77 12.22
C PHE A 335 -23.45 7.87 12.77
N PRO A 336 -23.32 8.16 14.08
CA PRO A 336 -21.98 8.16 14.67
C PRO A 336 -21.41 6.75 14.74
N VAL A 337 -20.10 6.62 14.54
CA VAL A 337 -19.43 5.34 14.61
C VAL A 337 -18.49 5.37 15.80
N ASP A 338 -18.61 4.37 16.67
CA ASP A 338 -17.78 4.25 17.87
C ASP A 338 -17.01 2.93 17.80
N PRO A 339 -15.68 3.00 17.60
CA PRO A 339 -14.85 1.77 17.56
C PRO A 339 -14.76 1.00 18.88
N ARG A 340 -15.22 1.60 19.98
CA ARG A 340 -15.21 0.96 21.30
C ARG A 340 -16.47 0.12 21.56
N ASP A 341 -17.54 0.34 20.77
CA ASP A 341 -18.86 -0.28 21.00
C ASP A 341 -18.89 -1.70 20.45
N SER A 342 -19.08 -2.68 21.33
CA SER A 342 -19.03 -4.10 20.93
C SER A 342 -20.11 -4.50 19.92
N GLN A 343 -21.16 -3.70 19.80
CA GLN A 343 -22.27 -4.00 18.90
C GLN A 343 -22.15 -3.32 17.54
N GLN A 344 -21.05 -2.58 17.31
CA GLN A 344 -20.88 -1.86 16.05
C GLN A 344 -19.92 -2.64 15.13
N VAL A 345 -18.61 -2.44 15.25
CA VAL A 345 -17.67 -3.18 14.39
C VAL A 345 -17.54 -4.62 14.88
N GLN A 346 -17.87 -5.56 14.01
CA GLN A 346 -17.75 -6.98 14.30
C GLN A 346 -17.28 -7.72 13.06
N GLU A 347 -16.54 -8.81 13.26
CA GLU A 347 -16.03 -9.61 12.16
C GLU A 347 -16.57 -11.04 12.20
N PHE A 348 -17.14 -11.46 11.09
CA PHE A 348 -17.61 -12.82 10.89
C PHE A 348 -16.53 -13.64 10.16
N VAL A 349 -16.57 -14.96 10.35
CA VAL A 349 -15.69 -15.89 9.62
C VAL A 349 -16.44 -17.03 8.96
N SER A 350 -17.77 -16.90 8.88
CA SER A 350 -18.61 -17.94 8.28
C SER A 350 -18.11 -18.40 6.90
N HIS A 351 -17.63 -17.47 6.08
CA HIS A 351 -17.13 -17.81 4.74
C HIS A 351 -15.64 -17.51 4.57
N SER A 352 -14.91 -17.48 5.69
CA SER A 352 -13.47 -17.21 5.74
C SER A 352 -12.74 -18.43 6.30
N TRP A 353 -11.46 -18.55 5.99
CA TRP A 353 -10.64 -19.69 6.41
C TRP A 353 -10.12 -19.54 7.84
N TYR A 354 -11.05 -19.33 8.78
CA TYR A 354 -10.78 -19.24 10.21
C TYR A 354 -11.86 -19.97 11.00
N LYS A 355 -11.64 -20.11 12.30
N LYS A 355 -11.65 -20.14 12.29
CA LYS A 355 -12.57 -20.80 13.19
CA LYS A 355 -12.68 -20.76 13.11
C LYS A 355 -12.95 -19.94 14.38
C LYS A 355 -12.96 -19.98 14.37
N TYR A 356 -14.25 -19.90 14.70
CA TYR A 356 -14.73 -19.39 15.99
C TYR A 356 -15.42 -20.56 16.67
N ALA A 357 -15.59 -20.43 17.98
CA ALA A 357 -16.46 -21.34 18.72
C ALA A 357 -17.83 -21.38 18.05
N ASP A 358 -18.44 -20.20 17.88
CA ASP A 358 -19.75 -20.05 17.23
C ASP A 358 -19.63 -19.09 16.06
N GLU A 359 -19.74 -19.61 14.84
CA GLU A 359 -19.56 -18.81 13.64
C GLU A 359 -20.85 -18.15 13.12
N SER A 360 -21.93 -18.26 13.88
CA SER A 360 -23.16 -17.53 13.57
C SER A 360 -23.14 -16.10 14.15
N VAL A 361 -22.08 -15.74 14.89
CA VAL A 361 -21.93 -14.37 15.42
C VAL A 361 -20.64 -13.71 14.94
N GLY A 362 -20.65 -12.38 15.02
CA GLY A 362 -19.48 -11.56 14.72
C GLY A 362 -18.83 -11.08 15.99
N LEU A 363 -17.51 -11.07 16.01
CA LEU A 363 -16.74 -10.64 17.18
C LEU A 363 -16.21 -9.22 17.01
N HIS A 364 -16.45 -8.39 18.02
CA HIS A 364 -15.80 -7.09 18.09
C HIS A 364 -14.28 -7.35 18.28
N PRO A 365 -13.41 -6.47 17.72
CA PRO A 365 -11.99 -6.83 17.71
C PRO A 365 -11.28 -6.94 19.07
N TRP A 366 -11.79 -6.32 20.13
CA TRP A 366 -11.25 -6.57 21.48
C TRP A 366 -11.48 -8.03 21.93
N ASP A 367 -12.44 -8.69 21.29
CA ASP A 367 -12.78 -10.09 21.55
C ASP A 367 -12.43 -10.97 20.36
N GLY A 368 -11.63 -10.42 19.43
CA GLY A 368 -11.32 -11.09 18.17
C GLY A 368 -10.48 -12.34 18.36
N VAL A 369 -10.63 -13.26 17.41
CA VAL A 369 -9.93 -14.54 17.40
C VAL A 369 -9.43 -14.82 16.00
N THR A 370 -8.18 -15.29 15.90
CA THR A 370 -7.56 -15.60 14.60
C THR A 370 -6.92 -16.99 14.65
N GLU A 371 -7.71 -18.01 14.33
CA GLU A 371 -7.23 -19.39 14.25
C GLU A 371 -7.50 -19.87 12.85
N PRO A 372 -6.44 -20.18 12.06
CA PRO A 372 -6.65 -20.56 10.68
C PRO A 372 -7.44 -21.86 10.53
N ASN A 373 -8.17 -21.96 9.43
CA ASN A 373 -8.92 -23.16 9.09
C ASN A 373 -9.11 -23.25 7.58
N TYR A 374 -8.06 -23.73 6.90
CA TYR A 374 -8.09 -23.84 5.44
C TYR A 374 -8.80 -25.13 5.06
N VAL A 375 -10.05 -24.98 4.61
CA VAL A 375 -10.91 -26.09 4.19
C VAL A 375 -11.78 -25.58 3.05
N LEU A 376 -11.97 -26.41 2.04
CA LEU A 376 -12.76 -26.06 0.86
C LEU A 376 -14.09 -26.81 0.86
N GLY A 377 -15.13 -26.14 0.39
CA GLY A 377 -16.47 -26.69 0.37
C GLY A 377 -16.64 -27.87 -0.58
N ALA A 378 -17.75 -28.57 -0.42
CA ALA A 378 -18.03 -29.79 -1.18
C ALA A 378 -18.22 -29.58 -2.69
N ASN A 379 -18.62 -28.38 -3.10
CA ASN A 379 -18.89 -28.08 -4.52
CA ASN A 379 -18.88 -28.09 -4.52
C ASN A 379 -17.67 -27.49 -5.24
N THR A 380 -16.50 -27.54 -4.59
CA THR A 380 -15.26 -27.10 -5.22
C THR A 380 -14.94 -27.95 -6.46
N LYS A 381 -14.46 -27.30 -7.52
CA LYS A 381 -13.88 -28.00 -8.66
C LYS A 381 -12.38 -27.95 -8.49
N GLY A 382 -11.72 -29.09 -8.61
CA GLY A 382 -10.29 -29.22 -8.35
C GLY A 382 -10.06 -29.80 -6.98
N THR A 383 -8.84 -29.62 -6.46
CA THR A 383 -8.45 -30.18 -5.17
C THR A 383 -7.94 -29.13 -4.21
N ARG A 384 -7.71 -29.57 -2.98
CA ARG A 384 -7.17 -28.75 -1.89
C ARG A 384 -5.96 -27.91 -2.28
N THR A 385 -5.10 -28.44 -3.15
CA THR A 385 -3.91 -27.72 -3.60
C THR A 385 -3.93 -27.37 -5.09
N ARG A 386 -5.08 -27.55 -5.74
CA ARG A 386 -5.22 -27.19 -7.15
C ARG A 386 -6.67 -26.83 -7.45
N ILE A 387 -7.03 -25.61 -7.07
CA ILE A 387 -8.39 -25.13 -7.20
C ILE A 387 -8.66 -24.70 -8.64
N GLU A 388 -9.75 -25.19 -9.22
CA GLU A 388 -10.19 -24.79 -10.57
C GLU A 388 -11.36 -23.81 -10.47
N GLN A 389 -12.30 -24.12 -9.58
CA GLN A 389 -13.41 -23.23 -9.29
C GLN A 389 -13.72 -23.29 -7.81
N ILE A 390 -13.57 -22.15 -7.13
CA ILE A 390 -13.79 -22.05 -5.70
C ILE A 390 -15.29 -22.14 -5.38
N ASP A 391 -15.59 -22.72 -4.22
CA ASP A 391 -16.96 -22.90 -3.76
C ASP A 391 -17.32 -21.80 -2.77
N GLU A 392 -17.97 -20.74 -3.28
CA GLU A 392 -18.34 -19.59 -2.44
C GLU A 392 -19.53 -19.85 -1.49
N SER A 393 -20.14 -21.03 -1.56
CA SER A 393 -21.18 -21.38 -0.59
C SER A 393 -20.55 -21.79 0.75
N ALA A 394 -19.24 -22.05 0.75
CA ALA A 394 -18.53 -22.44 1.97
C ALA A 394 -17.44 -21.41 2.30
N LYS A 395 -16.29 -21.83 2.83
CA LYS A 395 -15.22 -20.89 3.16
C LYS A 395 -14.33 -20.68 1.95
N TYR A 396 -14.12 -19.41 1.58
CA TYR A 396 -13.48 -19.09 0.32
C TYR A 396 -12.52 -17.92 0.32
N SER A 397 -12.01 -17.54 1.50
CA SER A 397 -11.10 -16.41 1.58
C SER A 397 -10.32 -16.35 2.89
N TRP A 398 -9.09 -15.81 2.80
CA TRP A 398 -8.30 -15.50 4.00
C TRP A 398 -8.72 -14.16 4.62
N ILE A 399 -9.68 -13.46 3.99
CA ILE A 399 -10.20 -12.20 4.52
C ILE A 399 -11.39 -12.49 5.43
N LYS A 400 -11.38 -11.92 6.64
CA LYS A 400 -12.55 -11.94 7.52
C LYS A 400 -13.65 -11.02 6.97
N SER A 401 -14.85 -11.10 7.56
CA SER A 401 -16.00 -10.32 7.11
C SER A 401 -16.43 -9.26 8.14
N PRO A 402 -15.85 -8.03 8.05
CA PRO A 402 -16.30 -7.01 8.98
C PRO A 402 -17.65 -6.40 8.57
N ARG A 403 -18.48 -6.10 9.56
CA ARG A 403 -19.78 -5.49 9.36
C ARG A 403 -19.96 -4.43 10.42
N TRP A 404 -20.83 -3.46 10.16
CA TRP A 404 -21.16 -2.41 11.15
C TRP A 404 -22.61 -2.52 11.55
N ARG A 405 -22.84 -2.84 12.83
CA ARG A 405 -24.20 -3.15 13.32
C ARG A 405 -24.85 -4.18 12.38
N GLY A 406 -24.04 -5.12 11.88
CA GLY A 406 -24.51 -6.15 10.95
C GLY A 406 -24.59 -5.77 9.47
N HIS A 407 -24.39 -4.49 9.14
CA HIS A 407 -24.51 -4.00 7.77
C HIS A 407 -23.19 -4.12 7.05
N ALA A 408 -23.25 -4.46 5.76
CA ALA A 408 -22.07 -4.47 4.90
C ALA A 408 -21.85 -3.06 4.37
N MET A 409 -20.63 -2.56 4.50
CA MET A 409 -20.30 -1.17 4.19
C MET A 409 -19.15 -1.10 3.18
N GLU A 410 -19.14 -0.04 2.39
CA GLU A 410 -17.97 0.29 1.57
C GLU A 410 -17.15 1.34 2.32
N VAL A 411 -15.84 1.19 2.27
CA VAL A 411 -14.91 2.13 2.88
C VAL A 411 -13.95 2.66 1.82
N GLY A 412 -13.31 3.78 2.12
CA GLY A 412 -12.36 4.38 1.20
C GLY A 412 -12.59 5.86 0.93
N PRO A 413 -11.78 6.44 0.04
CA PRO A 413 -11.88 7.86 -0.30
C PRO A 413 -13.29 8.24 -0.72
N LEU A 414 -13.93 7.42 -1.55
CA LEU A 414 -15.31 7.67 -1.96
C LEU A 414 -16.25 7.72 -0.77
N SER A 415 -16.12 6.76 0.14
CA SER A 415 -16.93 6.78 1.36
C SER A 415 -16.71 8.08 2.14
N ARG A 416 -15.46 8.46 2.32
CA ARG A 416 -15.14 9.72 3.03
C ARG A 416 -15.70 10.98 2.33
N TYR A 417 -15.73 10.95 1.00
CA TYR A 417 -16.24 12.10 0.25
C TYR A 417 -17.77 12.19 0.32
N ILE A 418 -18.44 11.04 0.24
CA ILE A 418 -19.88 10.99 0.44
C ILE A 418 -20.21 11.46 1.86
N LEU A 419 -19.48 10.96 2.85
CA LEU A 419 -19.70 11.39 4.24
C LEU A 419 -19.45 12.88 4.42
N ALA A 420 -18.39 13.37 3.82
CA ALA A 420 -18.06 14.81 3.90
C ALA A 420 -19.15 15.65 3.26
N TYR A 421 -19.64 15.20 2.12
CA TYR A 421 -20.72 15.88 1.42
C TYR A 421 -21.98 15.94 2.29
N ALA A 422 -22.34 14.79 2.86
CA ALA A 422 -23.48 14.69 3.78
C ALA A 422 -23.32 15.61 4.99
N HIS A 423 -22.13 15.58 5.59
CA HIS A 423 -21.83 16.43 6.75
C HIS A 423 -21.97 17.92 6.39
N ALA A 424 -21.40 18.31 5.25
CA ALA A 424 -21.47 19.70 4.78
C ALA A 424 -22.92 20.15 4.58
N ARG A 425 -23.75 19.28 4.00
CA ARG A 425 -25.18 19.56 3.84
C ARG A 425 -25.88 19.76 5.19
N SER A 426 -25.46 19.01 6.21
CA SER A 426 -26.05 19.15 7.54
C SER A 426 -25.54 20.37 8.32
N GLY A 427 -24.57 21.10 7.77
CA GLY A 427 -24.06 22.34 8.38
C GLY A 427 -22.66 22.24 8.97
N ASN A 428 -21.98 21.12 8.73
CA ASN A 428 -20.60 20.96 9.19
C ASN A 428 -19.64 21.79 8.34
N LYS A 429 -19.02 22.80 8.94
CA LYS A 429 -18.16 23.71 8.18
C LYS A 429 -16.75 23.12 7.95
N TYR A 430 -16.37 22.09 8.71
CA TYR A 430 -15.07 21.45 8.53
C TYR A 430 -14.98 20.66 7.22
N ALA A 431 -16.14 20.37 6.61
CA ALA A 431 -16.21 19.61 5.36
C ALA A 431 -16.37 20.48 4.10
N GLU A 432 -16.21 21.79 4.24
CA GLU A 432 -16.49 22.68 3.10
C GLU A 432 -15.55 22.47 1.91
N ARG A 433 -14.28 22.16 2.14
CA ARG A 433 -13.35 21.98 1.02
C ARG A 433 -13.68 20.73 0.16
N PRO A 434 -13.88 19.56 0.79
CA PRO A 434 -14.32 18.42 -0.03
C PRO A 434 -15.64 18.68 -0.80
N LYS A 435 -16.62 19.33 -0.16
CA LYS A 435 -17.86 19.71 -0.85
CA LYS A 435 -17.86 19.71 -0.85
C LYS A 435 -17.55 20.55 -2.09
N GLU A 436 -16.66 21.53 -1.92
CA GLU A 436 -16.27 22.42 -3.03
C GLU A 436 -15.61 21.62 -4.17
N GLN A 437 -14.69 20.72 -3.81
CA GLN A 437 -14.03 19.86 -4.80
C GLN A 437 -15.02 19.03 -5.62
N LEU A 438 -16.05 18.52 -4.94
CA LEU A 438 -17.05 17.66 -5.58
C LEU A 438 -17.93 18.46 -6.54
N GLU A 439 -18.39 19.62 -6.09
CA GLU A 439 -19.20 20.49 -6.93
C GLU A 439 -18.39 20.99 -8.13
N TYR A 440 -17.14 21.40 -7.90
CA TYR A 440 -16.24 21.75 -8.99
C TYR A 440 -16.10 20.59 -9.99
N SER A 441 -15.86 19.40 -9.47
CA SER A 441 -15.64 18.20 -10.29
C SER A 441 -16.87 17.81 -11.12
N ALA A 442 -18.05 17.91 -10.52
CA ALA A 442 -19.29 17.62 -11.23
C ALA A 442 -19.47 18.57 -12.40
N GLN A 443 -19.20 19.86 -12.17
CA GLN A 443 -19.35 20.88 -13.22
C GLN A 443 -18.34 20.67 -14.36
N MET A 444 -17.13 20.23 -14.01
CA MET A 444 -16.10 19.92 -15.03
C MET A 444 -16.52 18.72 -15.87
N ILE A 445 -17.00 17.67 -15.21
CA ILE A 445 -17.34 16.42 -15.85
C ILE A 445 -18.60 16.54 -16.72
N ASN A 446 -19.60 17.24 -16.17
CA ASN A 446 -20.87 17.47 -16.85
C ASN A 446 -20.83 18.53 -17.97
N SER A 447 -20.07 19.62 -17.76
CA SER A 447 -20.18 20.81 -18.62
CA SER A 447 -20.18 20.81 -18.62
C SER A 447 -18.85 21.28 -19.22
N ALA A 448 -17.90 21.66 -18.37
CA ALA A 448 -16.68 22.34 -18.86
C ALA A 448 -15.81 21.47 -19.76
N ILE A 449 -15.52 20.24 -19.36
CA ILE A 449 -14.68 19.38 -20.18
C ILE A 449 -15.39 18.96 -21.48
N PRO A 450 -16.69 18.60 -21.39
CA PRO A 450 -17.43 18.36 -22.64
C PRO A 450 -17.41 19.53 -23.62
N LYS A 451 -17.68 20.74 -23.13
CA LYS A 451 -17.62 21.95 -23.98
C LYS A 451 -16.26 22.10 -24.67
N ALA A 452 -15.20 21.94 -23.89
CA ALA A 452 -13.84 22.09 -24.42
C ALA A 452 -13.46 21.01 -25.45
N LEU A 453 -14.04 19.82 -25.34
CA LEU A 453 -13.75 18.71 -26.26
C LEU A 453 -14.83 18.50 -27.31
N GLY A 454 -15.83 19.38 -27.34
CA GLY A 454 -16.89 19.33 -28.35
C GLY A 454 -17.89 18.20 -28.16
N LEU A 455 -18.08 17.79 -26.91
CA LEU A 455 -19.00 16.70 -26.56
C LEU A 455 -20.25 17.30 -25.93
N PRO A 456 -21.38 16.57 -25.97
CA PRO A 456 -22.60 17.12 -25.37
C PRO A 456 -22.50 17.23 -23.85
N GLU A 457 -23.12 18.27 -23.28
CA GLU A 457 -23.16 18.44 -21.83
C GLU A 457 -24.13 17.44 -21.22
N THR A 458 -23.84 16.98 -20.00
CA THR A 458 -24.76 16.11 -19.26
C THR A 458 -25.23 16.82 -18.00
N GLN A 459 -26.16 16.20 -17.27
CA GLN A 459 -26.72 16.78 -16.06
C GLN A 459 -26.78 15.79 -14.89
N TYR A 460 -25.74 14.96 -14.74
CA TYR A 460 -25.69 14.04 -13.61
C TYR A 460 -25.51 14.80 -12.31
N THR A 461 -26.25 14.40 -11.29
CA THR A 461 -26.08 14.92 -9.94
C THR A 461 -24.92 14.18 -9.28
N LEU A 462 -24.44 14.70 -8.14
CA LEU A 462 -23.40 14.01 -7.37
C LEU A 462 -23.90 12.64 -6.88
N LYS A 463 -25.18 12.59 -6.50
CA LYS A 463 -25.78 11.34 -6.03
CA LYS A 463 -25.84 11.35 -6.04
C LYS A 463 -25.81 10.26 -7.11
N GLN A 464 -25.88 10.67 -8.38
CA GLN A 464 -25.83 9.75 -9.52
C GLN A 464 -24.38 9.40 -9.93
N LEU A 465 -23.50 10.40 -9.87
CA LEU A 465 -22.14 10.27 -10.40
C LEU A 465 -21.18 9.55 -9.44
N LEU A 466 -21.32 9.84 -8.16
CA LEU A 466 -20.36 9.34 -7.17
C LEU A 466 -20.41 7.82 -6.97
N PRO A 467 -21.60 7.22 -6.81
CA PRO A 467 -21.61 5.77 -6.64
C PRO A 467 -21.38 5.04 -7.97
N SER A 468 -20.11 4.97 -8.37
CA SER A 468 -19.70 4.39 -9.64
C SER A 468 -18.19 4.21 -9.58
N THR A 469 -17.67 3.37 -10.45
CA THR A 469 -16.22 3.19 -10.54
C THR A 469 -15.52 4.50 -10.90
N ILE A 470 -16.12 5.27 -11.81
CA ILE A 470 -15.61 6.61 -12.14
C ILE A 470 -15.57 7.47 -10.88
N GLY A 471 -16.69 7.52 -10.15
CA GLY A 471 -16.77 8.29 -8.91
C GLY A 471 -15.75 7.87 -7.87
N ARG A 472 -15.51 6.57 -7.76
CA ARG A 472 -14.57 6.02 -6.77
C ARG A 472 -13.14 6.47 -7.10
N THR A 473 -12.84 6.49 -8.40
CA THR A 473 -11.56 6.93 -8.92
C THR A 473 -11.38 8.44 -8.72
N LEU A 474 -12.45 9.19 -8.98
CA LEU A 474 -12.46 10.64 -8.76
C LEU A 474 -12.20 11.02 -7.31
N ALA A 475 -12.91 10.39 -6.38
CA ALA A 475 -12.78 10.73 -4.96
C ALA A 475 -11.35 10.53 -4.45
N ARG A 476 -10.69 9.48 -4.93
CA ARG A 476 -9.29 9.22 -4.58
C ARG A 476 -8.42 10.41 -4.98
N ALA A 477 -8.61 10.89 -6.21
CA ALA A 477 -7.80 12.03 -6.72
C ALA A 477 -8.06 13.31 -5.92
N LEU A 478 -9.34 13.58 -5.63
CA LEU A 478 -9.69 14.75 -4.84
C LEU A 478 -9.10 14.65 -3.43
N GLU A 479 -9.14 13.47 -2.84
CA GLU A 479 -8.58 13.27 -1.51
C GLU A 479 -7.09 13.54 -1.48
N SER A 480 -6.38 13.09 -2.52
CA SER A 480 -4.96 13.38 -2.66
C SER A 480 -4.72 14.89 -2.64
N GLN A 481 -5.47 15.62 -3.46
CA GLN A 481 -5.35 17.07 -3.51
C GLN A 481 -5.60 17.72 -2.14
N TYR A 482 -6.66 17.29 -1.47
CA TYR A 482 -7.03 17.83 -0.16
C TYR A 482 -5.96 17.55 0.90
N CYS A 483 -5.40 16.34 0.89
CA CYS A 483 -4.33 15.97 1.81
C CYS A 483 -3.07 16.83 1.61
N GLY A 484 -2.73 17.11 0.35
CA GLY A 484 -1.61 18.01 0.05
C GLY A 484 -1.85 19.40 0.63
N GLU A 485 -3.05 19.92 0.39
CA GLU A 485 -3.45 21.22 0.94
C GLU A 485 -3.39 21.24 2.47
N MET A 486 -3.94 20.21 3.10
CA MET A 486 -3.94 20.14 4.57
C MET A 486 -2.54 20.09 5.17
N MET A 487 -1.63 19.32 4.57
CA MET A 487 -0.29 19.20 5.17
C MET A 487 0.54 20.47 4.99
N HIS A 488 0.21 21.24 3.95
CA HIS A 488 0.76 22.59 3.76
C HIS A 488 0.42 23.49 4.97
N SER A 489 -0.82 23.44 5.45
CA SER A 489 -1.24 24.16 6.68
C SER A 489 -0.61 23.57 7.94
N ASP A 490 -0.52 22.24 8.01
CA ASP A 490 0.13 21.56 9.16
C ASP A 490 1.59 22.00 9.30
N TRP A 491 2.28 22.14 8.17
CA TRP A 491 3.67 22.58 8.18
C TRP A 491 3.80 23.96 8.82
N HIS A 492 2.95 24.89 8.40
CA HIS A 492 2.96 26.24 9.01
C HIS A 492 2.71 26.21 10.50
N ASP A 493 1.75 25.39 10.92
CA ASP A 493 1.42 25.28 12.34
C ASP A 493 2.57 24.68 13.14
N LEU A 494 3.26 23.69 12.54
CA LEU A 494 4.42 23.06 13.17
C LEU A 494 5.55 24.08 13.36
N VAL A 495 5.89 24.79 12.28
CA VAL A 495 6.96 25.80 12.33
C VAL A 495 6.61 26.90 13.33
N ALA A 496 5.35 27.34 13.32
CA ALA A 496 4.88 28.37 14.24
C ALA A 496 4.99 27.92 15.70
N ASN A 497 4.61 26.68 15.97
CA ASN A 497 4.67 26.15 17.34
C ASN A 497 6.11 26.06 17.86
N ILE A 498 7.01 25.61 16.99
CA ILE A 498 8.43 25.51 17.34
C ILE A 498 9.03 26.89 17.60
N ARG A 499 8.70 27.84 16.74
CA ARG A 499 9.19 29.23 16.90
C ARG A 499 8.67 29.91 18.17
N ALA A 500 7.46 29.54 18.59
CA ALA A 500 6.89 30.02 19.84
C ALA A 500 7.61 29.44 21.08
N GLY A 501 8.46 28.44 20.86
CA GLY A 501 9.31 27.89 21.90
C GLY A 501 8.98 26.48 22.34
N ASP A 502 7.98 25.86 21.73
CA ASP A 502 7.63 24.46 22.05
C ASP A 502 8.37 23.54 21.09
N THR A 503 9.44 22.91 21.58
CA THR A 503 10.23 21.97 20.78
C THR A 503 9.94 20.51 21.13
N ALA A 504 8.97 20.26 22.01
CA ALA A 504 8.75 18.89 22.53
C ALA A 504 8.29 17.95 21.41
N THR A 505 8.83 16.73 21.40
CA THR A 505 8.46 15.71 20.40
C THR A 505 8.02 14.37 20.99
N ALA A 506 8.28 14.11 22.26
CA ALA A 506 7.85 12.86 22.90
C ALA A 506 7.46 13.05 24.35
N ASN A 507 6.32 12.45 24.73
CA ASN A 507 5.91 12.31 26.11
C ASN A 507 6.39 10.94 26.60
N VAL A 508 7.35 10.94 27.52
CA VAL A 508 7.95 9.70 28.04
C VAL A 508 7.48 9.34 29.45
N ASP A 509 6.47 10.04 29.96
CA ASP A 509 5.95 9.81 31.32
C ASP A 509 5.59 8.35 31.56
N LYS A 510 5.01 7.69 30.55
CA LYS A 510 4.61 6.27 30.66
C LYS A 510 5.36 5.35 29.70
N TRP A 511 6.60 5.72 29.37
CA TRP A 511 7.43 4.87 28.53
C TRP A 511 7.79 3.56 29.24
N ASP A 512 8.12 3.64 30.54
CA ASP A 512 8.52 2.46 31.29
C ASP A 512 7.29 1.66 31.72
N PRO A 513 7.27 0.34 31.43
CA PRO A 513 6.08 -0.44 31.76
C PRO A 513 5.79 -0.58 33.27
N ALA A 514 6.75 -0.25 34.13
CA ALA A 514 6.50 -0.16 35.56
C ALA A 514 5.45 0.91 35.92
N THR A 515 5.22 1.87 35.02
CA THR A 515 4.22 2.93 35.21
C THR A 515 2.82 2.56 34.72
N TRP A 516 2.69 1.41 34.05
CA TRP A 516 1.46 1.05 33.38
C TRP A 516 0.44 0.39 34.30
N PRO A 517 -0.86 0.54 33.98
CA PRO A 517 -1.81 -0.33 34.68
C PRO A 517 -1.55 -1.78 34.29
N LEU A 518 -1.84 -2.70 35.21
CA LEU A 518 -1.52 -4.12 35.00
C LEU A 518 -2.35 -4.76 33.91
N GLN A 519 -3.52 -4.19 33.63
CA GLN A 519 -4.18 -4.46 32.37
C GLN A 519 -4.81 -3.21 31.79
N ALA A 520 -4.99 -3.23 30.47
CA ALA A 520 -5.55 -2.10 29.75
C ALA A 520 -6.00 -2.55 28.38
N LYS A 521 -6.92 -1.79 27.79
CA LYS A 521 -7.29 -2.00 26.41
C LYS A 521 -7.35 -0.65 25.73
N GLY A 522 -7.04 -0.65 24.44
CA GLY A 522 -7.06 0.57 23.65
C GLY A 522 -7.36 0.29 22.19
N VAL A 523 -7.75 1.34 21.49
CA VAL A 523 -8.03 1.26 20.07
C VAL A 523 -7.41 2.47 19.41
N GLY A 524 -6.80 2.25 18.25
CA GLY A 524 -6.28 3.31 17.40
C GLY A 524 -6.95 3.21 16.05
N THR A 525 -7.48 4.33 15.55
CA THR A 525 -8.04 4.39 14.19
C THR A 525 -7.30 5.40 13.32
N VAL A 526 -7.32 5.12 12.01
CA VAL A 526 -6.66 5.92 11.00
C VAL A 526 -7.54 5.90 9.76
N ALA A 527 -7.66 7.06 9.10
CA ALA A 527 -8.22 7.10 7.75
C ALA A 527 -7.06 6.80 6.80
N ALA A 528 -6.83 5.51 6.63
CA ALA A 528 -5.80 5.01 5.74
C ALA A 528 -6.18 5.27 4.28
N PRO A 529 -5.20 5.23 3.35
CA PRO A 529 -5.51 5.52 1.94
C PRO A 529 -6.74 4.77 1.37
N ARG A 530 -6.94 3.52 1.78
CA ARG A 530 -8.00 2.68 1.27
C ARG A 530 -9.29 2.67 2.09
N GLY A 531 -9.31 3.37 3.23
CA GLY A 531 -10.52 3.50 4.04
C GLY A 531 -10.26 3.44 5.52
N ALA A 532 -11.21 2.84 6.25
CA ALA A 532 -11.20 2.82 7.69
C ALA A 532 -10.30 1.72 8.28
N LEU A 533 -9.26 2.14 8.99
CA LEU A 533 -8.33 1.22 9.63
C LEU A 533 -8.45 1.32 11.14
N GLY A 534 -8.48 0.16 11.82
CA GLY A 534 -8.43 0.11 13.28
C GLY A 534 -7.53 -0.99 13.81
N HIS A 535 -6.83 -0.69 14.90
CA HIS A 535 -6.09 -1.69 15.66
C HIS A 535 -6.63 -1.68 17.06
N TRP A 536 -6.98 -2.86 17.56
CA TRP A 536 -7.51 -3.02 18.90
C TRP A 536 -6.54 -3.88 19.71
N ILE A 537 -6.13 -3.37 20.88
CA ILE A 537 -5.12 -4.04 21.70
C ILE A 537 -5.63 -4.25 23.12
N ARG A 538 -5.24 -5.39 23.69
CA ARG A 538 -5.38 -5.65 25.11
C ARG A 538 -3.96 -5.91 25.62
N ILE A 539 -3.62 -5.25 26.73
CA ILE A 539 -2.33 -5.34 27.37
C ILE A 539 -2.52 -6.04 28.73
N LYS A 540 -1.62 -6.96 29.06
CA LYS A 540 -1.64 -7.60 30.39
C LYS A 540 -0.22 -7.81 30.90
N ASP A 541 0.04 -7.28 32.09
CA ASP A 541 1.36 -7.37 32.74
C ASP A 541 2.51 -7.00 31.79
N GLY A 542 2.37 -5.86 31.12
CA GLY A 542 3.38 -5.34 30.23
C GLY A 542 3.48 -5.97 28.84
N ARG A 543 2.62 -6.94 28.54
CA ARG A 543 2.68 -7.70 27.29
C ARG A 543 1.37 -7.61 26.54
N ILE A 544 1.45 -7.90 25.24
CA ILE A 544 0.26 -7.94 24.39
C ILE A 544 -0.52 -9.21 24.66
N GLU A 545 -1.75 -9.05 25.15
CA GLU A 545 -2.66 -10.17 25.39
C GLU A 545 -3.45 -10.50 24.13
N ASN A 546 -3.96 -9.48 23.46
CA ASN A 546 -4.62 -9.65 22.18
C ASN A 546 -4.34 -8.43 21.32
N TYR A 547 -4.24 -8.66 20.02
CA TYR A 547 -4.02 -7.59 19.07
C TYR A 547 -4.77 -7.98 17.80
N GLN A 548 -5.78 -7.20 17.45
CA GLN A 548 -6.63 -7.46 16.30
C GLN A 548 -6.70 -6.22 15.41
N CYS A 549 -6.49 -6.43 14.11
CA CYS A 549 -6.55 -5.41 13.09
C CYS A 549 -7.78 -5.65 12.21
N VAL A 550 -8.50 -4.58 11.92
CA VAL A 550 -9.54 -4.60 10.90
C VAL A 550 -9.16 -3.49 9.95
N VAL A 551 -8.87 -3.87 8.72
CA VAL A 551 -8.16 -3.03 7.77
CA VAL A 551 -8.23 -2.92 7.81
C VAL A 551 -9.12 -2.64 6.62
N PRO A 552 -8.84 -1.52 5.90
CA PRO A 552 -9.82 -1.12 4.90
C PRO A 552 -10.18 -2.19 3.87
N THR A 553 -9.19 -2.89 3.33
CA THR A 553 -9.46 -3.88 2.31
C THR A 553 -10.11 -5.13 2.94
N THR A 554 -9.97 -5.30 4.27
CA THR A 554 -10.75 -6.35 4.96
C THR A 554 -12.25 -6.03 4.78
N TRP A 555 -12.64 -4.76 4.98
CA TRP A 555 -14.03 -4.35 4.73
C TRP A 555 -14.41 -4.56 3.26
N ASN A 556 -13.66 -3.94 2.36
CA ASN A 556 -14.07 -3.92 0.95
C ASN A 556 -14.01 -5.28 0.26
N GLY A 557 -12.96 -6.05 0.56
CA GLY A 557 -12.78 -7.35 -0.07
C GLY A 557 -13.42 -8.51 0.66
N SER A 558 -14.17 -8.23 1.74
CA SER A 558 -14.84 -9.22 2.58
CA SER A 558 -14.75 -9.28 2.57
C SER A 558 -15.59 -10.29 1.80
N PRO A 559 -15.51 -11.57 2.23
CA PRO A 559 -16.42 -12.54 1.67
C PRO A 559 -17.75 -12.38 2.39
N ARG A 560 -18.70 -13.23 2.04
CA ARG A 560 -20.05 -13.12 2.57
C ARG A 560 -20.09 -13.40 4.06
N ASP A 561 -21.09 -12.86 4.76
CA ASP A 561 -21.21 -13.04 6.21
C ASP A 561 -22.17 -14.19 6.53
N TYR A 562 -22.53 -14.34 7.80
CA TYR A 562 -23.45 -15.40 8.21
C TYR A 562 -24.79 -15.29 7.48
N LYS A 563 -25.24 -14.06 7.29
CA LYS A 563 -26.50 -13.78 6.59
C LYS A 563 -26.39 -13.89 5.06
N GLY A 564 -25.19 -14.14 4.55
CA GLY A 564 -24.97 -14.23 3.11
C GLY A 564 -24.87 -12.88 2.42
N GLN A 565 -24.72 -11.81 3.19
CA GLN A 565 -24.59 -10.48 2.62
C GLN A 565 -23.22 -10.32 1.99
N ILE A 566 -23.19 -9.65 0.85
CA ILE A 566 -21.97 -9.48 0.07
C ILE A 566 -21.25 -8.19 0.44
N GLY A 567 -19.93 -8.21 0.29
CA GLY A 567 -19.08 -7.07 0.55
C GLY A 567 -18.91 -6.16 -0.66
N ALA A 568 -18.14 -5.09 -0.49
CA ALA A 568 -18.03 -4.04 -1.53
C ALA A 568 -17.52 -4.51 -2.90
N PHE A 569 -16.43 -5.29 -2.91
CA PHE A 569 -15.87 -5.82 -4.18
C PHE A 569 -16.93 -6.58 -4.94
N GLU A 570 -17.56 -7.54 -4.27
CA GLU A 570 -18.53 -8.41 -4.94
C GLU A 570 -19.72 -7.60 -5.45
N ALA A 571 -20.23 -6.67 -4.64
CA ALA A 571 -21.35 -5.81 -5.06
C ALA A 571 -20.98 -4.92 -6.25
N SER A 572 -19.75 -4.42 -6.26
CA SER A 572 -19.32 -3.49 -7.32
C SER A 572 -19.22 -4.14 -8.68
N LEU A 573 -18.92 -5.43 -8.71
CA LEU A 573 -18.79 -6.15 -9.98
C LEU A 573 -20.14 -6.54 -10.57
N MET A 574 -21.14 -6.66 -9.71
CA MET A 574 -22.46 -7.07 -10.14
C MET A 574 -23.01 -6.17 -11.22
N ASN A 575 -23.66 -6.81 -12.18
CA ASN A 575 -24.44 -6.16 -13.22
C ASN A 575 -23.61 -5.31 -14.17
N THR A 576 -22.38 -5.77 -14.39
CA THR A 576 -21.48 -5.11 -15.30
C THR A 576 -21.30 -5.96 -16.56
N PRO A 577 -21.57 -5.37 -17.76
CA PRO A 577 -21.29 -6.10 -19.00
C PRO A 577 -19.79 -6.22 -19.28
N MET A 578 -19.38 -7.36 -19.83
CA MET A 578 -18.01 -7.55 -20.28
C MET A 578 -18.03 -7.63 -21.78
N VAL A 579 -17.16 -6.88 -22.43
CA VAL A 579 -16.99 -6.94 -23.88
C VAL A 579 -16.59 -8.35 -24.31
N ASN A 580 -15.65 -8.92 -23.58
CA ASN A 580 -15.17 -10.28 -23.83
C ASN A 580 -14.96 -10.95 -22.48
N PRO A 581 -15.79 -11.95 -22.13
CA PRO A 581 -15.68 -12.58 -20.82
C PRO A 581 -14.31 -13.23 -20.51
N GLU A 582 -13.50 -13.51 -21.53
CA GLU A 582 -12.15 -14.03 -21.34
C GLU A 582 -11.06 -12.95 -21.22
N GLN A 583 -11.46 -11.67 -21.28
CA GLN A 583 -10.56 -10.54 -21.01
C GLN A 583 -11.13 -9.74 -19.84
N PRO A 584 -10.46 -9.76 -18.67
CA PRO A 584 -11.06 -9.17 -17.48
C PRO A 584 -10.94 -7.65 -17.38
N VAL A 585 -11.04 -6.92 -18.49
CA VAL A 585 -10.77 -5.48 -18.49
C VAL A 585 -11.69 -4.74 -17.50
N GLU A 586 -12.98 -5.04 -17.55
CA GLU A 586 -13.96 -4.37 -16.69
C GLU A 586 -13.86 -4.83 -15.23
N ILE A 587 -13.56 -6.10 -15.01
CA ILE A 587 -13.35 -6.61 -13.65
C ILE A 587 -12.18 -5.88 -12.99
N LEU A 588 -11.07 -5.80 -13.73
CA LEU A 588 -9.89 -5.11 -13.26
C LEU A 588 -10.14 -3.63 -13.01
N ARG A 589 -10.83 -2.96 -13.94
CA ARG A 589 -11.08 -1.52 -13.82
C ARG A 589 -11.86 -1.20 -12.54
N THR A 590 -12.91 -1.97 -12.28
CA THR A 590 -13.70 -1.79 -11.06
C THR A 590 -12.96 -2.25 -9.79
N LEU A 591 -12.39 -3.46 -9.79
CA LEU A 591 -11.63 -3.91 -8.60
C LEU A 591 -10.55 -2.91 -8.22
N HIS A 592 -9.77 -2.49 -9.22
CA HIS A 592 -8.68 -1.54 -9.02
C HIS A 592 -9.17 -0.19 -8.52
N SER A 593 -10.42 0.18 -8.77
CA SER A 593 -10.95 1.46 -8.25
C SER A 593 -11.03 1.49 -6.71
N PHE A 594 -11.03 0.30 -6.09
CA PHE A 594 -10.94 0.18 -4.63
C PHE A 594 -9.51 0.21 -4.12
N ASP A 595 -8.54 0.16 -5.03
CA ASP A 595 -7.13 0.09 -4.67
C ASP A 595 -6.89 -1.09 -3.69
N PRO A 596 -7.19 -2.32 -4.12
CA PRO A 596 -7.08 -3.44 -3.18
C PRO A 596 -5.65 -3.65 -2.65
N CYS A 597 -5.55 -3.78 -1.34
CA CYS A 597 -4.30 -4.18 -0.71
C CYS A 597 -4.54 -5.47 0.03
N LEU A 598 -4.10 -6.57 -0.56
CA LEU A 598 -4.49 -7.87 -0.05
C LEU A 598 -3.67 -8.26 1.16
N ALA A 599 -2.43 -7.78 1.25
CA ALA A 599 -1.60 -8.07 2.42
C ALA A 599 -2.23 -7.37 3.62
N CYS A 600 -2.68 -6.14 3.41
CA CYS A 600 -3.47 -5.43 4.40
C CYS A 600 -4.72 -6.20 4.81
N SER A 601 -5.50 -6.64 3.82
CA SER A 601 -6.80 -7.26 4.10
C SER A 601 -6.71 -8.48 5.03
N THR A 602 -5.60 -9.21 4.95
CA THR A 602 -5.41 -10.49 5.62
C THR A 602 -4.45 -10.42 6.81
N HIS A 603 -3.38 -9.64 6.68
CA HIS A 603 -2.36 -9.47 7.72
C HIS A 603 -2.00 -10.77 8.46
N PRO B 5 18.71 -8.73 -26.34
CA PRO B 5 19.38 -7.55 -25.81
C PRO B 5 19.14 -7.26 -24.32
N ARG B 6 17.88 -7.13 -23.87
CA ARG B 6 17.62 -6.87 -22.42
C ARG B 6 17.28 -8.15 -21.65
N THR B 7 18.02 -8.42 -20.57
CA THR B 7 17.86 -9.65 -19.79
C THR B 7 16.50 -9.71 -19.10
N PRO B 8 15.76 -10.82 -19.29
CA PRO B 8 14.46 -10.90 -18.62
C PRO B 8 14.57 -11.06 -17.10
N VAL B 9 13.70 -10.35 -16.39
CA VAL B 9 13.52 -10.57 -14.98
C VAL B 9 12.09 -11.03 -14.75
N LEU B 10 11.96 -12.20 -14.13
CA LEU B 10 10.68 -12.65 -13.64
C LEU B 10 10.69 -12.38 -12.13
N TRP B 11 9.84 -11.44 -11.71
CA TRP B 11 9.74 -10.98 -10.33
C TRP B 11 8.52 -11.62 -9.70
N LEU B 12 8.76 -12.60 -8.83
CA LEU B 12 7.70 -13.32 -8.12
C LEU B 12 7.50 -12.72 -6.74
N HIS B 13 6.25 -12.83 -6.26
CA HIS B 13 5.81 -12.35 -4.95
C HIS B 13 5.18 -13.51 -4.16
N GLY B 14 5.78 -13.86 -3.04
CA GLY B 14 5.22 -14.85 -2.12
C GLY B 14 4.44 -14.14 -1.02
N LEU B 15 4.60 -14.60 0.21
CA LEU B 15 4.08 -13.87 1.37
C LEU B 15 5.00 -12.69 1.60
N GLU B 16 4.43 -11.48 1.50
CA GLU B 16 5.22 -10.25 1.55
C GLU B 16 4.32 -9.07 1.84
N CYS B 17 4.93 -7.91 2.04
CA CYS B 17 4.19 -6.66 2.25
C CYS B 17 4.30 -5.70 1.06
N THR B 18 5.11 -6.07 0.06
CA THR B 18 5.33 -5.28 -1.17
C THR B 18 6.26 -4.06 -0.95
N GLY B 19 6.87 -3.99 0.24
CA GLY B 19 7.83 -2.93 0.54
C GLY B 19 9.13 -2.98 -0.25
N CYS B 20 9.54 -4.17 -0.67
CA CYS B 20 10.75 -4.35 -1.45
C CYS B 20 10.52 -3.82 -2.89
N SER B 21 9.37 -4.15 -3.49
CA SER B 21 8.96 -3.54 -4.76
C SER B 21 8.90 -2.02 -4.70
N GLU B 22 8.28 -1.50 -3.63
CA GLU B 22 8.21 -0.06 -3.43
C GLU B 22 9.59 0.58 -3.31
N SER B 23 10.47 -0.02 -2.51
CA SER B 23 11.81 0.53 -2.35
C SER B 23 12.50 0.59 -3.71
N PHE B 24 12.35 -0.48 -4.49
CA PHE B 24 12.98 -0.58 -5.81
C PHE B 24 12.66 0.65 -6.67
N ILE B 25 11.38 1.05 -6.72
CA ILE B 25 10.97 2.18 -7.57
C ILE B 25 11.32 3.58 -7.01
N ARG B 26 11.89 3.63 -5.80
CA ARG B 26 12.47 4.88 -5.28
C ARG B 26 13.89 5.17 -5.80
N SER B 27 14.53 4.21 -6.46
CA SER B 27 15.92 4.39 -6.89
C SER B 27 16.08 5.64 -7.79
N ALA B 28 17.07 6.47 -7.46
CA ALA B 28 17.37 7.68 -8.24
C ALA B 28 18.51 7.44 -9.23
N HIS B 29 19.45 6.57 -8.86
CA HIS B 29 20.62 6.27 -9.69
C HIS B 29 20.88 4.76 -9.71
N PRO B 30 20.36 4.05 -10.73
CA PRO B 30 19.52 4.50 -11.84
C PRO B 30 18.05 4.66 -11.45
N LEU B 31 17.33 5.45 -12.24
CA LEU B 31 15.88 5.54 -12.15
C LEU B 31 15.26 4.17 -12.45
N ALA B 32 14.25 3.78 -11.67
CA ALA B 32 13.52 2.54 -11.96
C ALA B 32 12.93 2.56 -13.38
N LYS B 33 12.47 3.73 -13.82
CA LYS B 33 11.97 3.92 -15.19
C LYS B 33 13.00 3.47 -16.23
N ASP B 34 14.26 3.87 -16.03
CA ASP B 34 15.34 3.50 -16.95
C ASP B 34 15.71 2.04 -16.82
N VAL B 35 15.63 1.50 -15.60
CA VAL B 35 15.86 0.07 -15.40
C VAL B 35 14.84 -0.74 -16.20
N VAL B 36 13.56 -0.40 -16.07
CA VAL B 36 12.47 -1.13 -16.76
C VAL B 36 12.51 -0.94 -18.30
N LEU B 37 12.68 0.29 -18.76
CA LEU B 37 12.67 0.59 -20.19
C LEU B 37 13.98 0.27 -20.93
N SER B 38 15.13 0.37 -20.24
CA SER B 38 16.44 0.30 -20.93
C SER B 38 17.44 -0.75 -20.44
N MET B 39 17.22 -1.37 -19.28
CA MET B 39 18.23 -2.30 -18.71
C MET B 39 17.74 -3.74 -18.67
N ILE B 40 16.62 -3.96 -17.98
CA ILE B 40 16.00 -5.29 -17.91
C ILE B 40 14.77 -5.34 -18.79
N SER B 41 14.23 -6.55 -18.93
CA SER B 41 12.89 -6.76 -19.45
C SER B 41 12.05 -7.36 -18.32
N LEU B 42 11.29 -6.51 -17.64
CA LEU B 42 10.47 -6.92 -16.50
C LEU B 42 9.19 -7.55 -17.02
N ASP B 43 9.25 -8.86 -17.24
CA ASP B 43 8.22 -9.58 -17.99
C ASP B 43 7.11 -10.14 -17.13
N TYR B 44 7.40 -10.33 -15.85
CA TYR B 44 6.39 -10.76 -14.92
C TYR B 44 6.64 -10.01 -13.61
N ASP B 45 5.58 -9.38 -13.11
CA ASP B 45 5.62 -8.63 -11.87
C ASP B 45 4.20 -8.26 -11.53
N ASP B 46 3.62 -8.94 -10.54
CA ASP B 46 2.18 -8.78 -10.21
C ASP B 46 1.79 -7.32 -9.97
N THR B 47 2.70 -6.52 -9.43
CA THR B 47 2.40 -5.15 -9.02
C THR B 47 2.16 -4.18 -10.19
N LEU B 48 2.86 -4.38 -11.31
N LEU B 48 2.86 -4.41 -11.31
CA LEU B 48 2.76 -3.42 -12.43
CA LEU B 48 2.88 -3.47 -12.43
C LEU B 48 2.48 -4.02 -13.81
C LEU B 48 2.36 -4.01 -13.77
N MET B 49 2.25 -5.33 -13.90
CA MET B 49 1.97 -5.96 -15.20
C MET B 49 0.54 -5.74 -15.70
N ALA B 50 0.41 -5.50 -17.01
CA ALA B 50 -0.88 -5.25 -17.64
C ALA B 50 -1.78 -6.49 -17.61
N ALA B 51 -1.20 -7.64 -17.91
CA ALA B 51 -1.94 -8.91 -17.98
C ALA B 51 -2.30 -9.43 -16.60
N ALA B 52 -3.47 -10.05 -16.51
CA ALA B 52 -3.94 -10.71 -15.30
C ALA B 52 -4.30 -12.16 -15.62
N GLY B 53 -4.49 -12.95 -14.57
CA GLY B 53 -5.05 -14.31 -14.70
C GLY B 53 -4.32 -15.22 -15.67
N HIS B 54 -5.06 -15.83 -16.59
CA HIS B 54 -4.49 -16.77 -17.57
C HIS B 54 -3.42 -16.11 -18.46
N GLN B 55 -3.62 -14.83 -18.78
CA GLN B 55 -2.72 -14.09 -19.66
C GLN B 55 -1.38 -13.81 -18.98
N ALA B 56 -1.42 -13.52 -17.68
CA ALA B 56 -0.21 -13.34 -16.87
C ALA B 56 0.55 -14.65 -16.73
N GLU B 57 -0.16 -15.71 -16.35
CA GLU B 57 0.46 -17.01 -16.14
C GLU B 57 1.15 -17.50 -17.42
N ALA B 58 0.53 -17.23 -18.57
CA ALA B 58 1.07 -17.65 -19.87
C ALA B 58 2.43 -17.02 -20.21
N ILE B 59 2.73 -15.87 -19.61
CA ILE B 59 4.02 -15.21 -19.83
C ILE B 59 5.20 -16.02 -19.29
N LEU B 60 5.02 -16.64 -18.13
CA LEU B 60 6.10 -17.39 -17.48
C LEU B 60 6.65 -18.48 -18.39
N GLU B 61 5.76 -19.32 -18.92
CA GLU B 61 6.14 -20.36 -19.89
C GLU B 61 6.92 -19.81 -21.08
N GLU B 62 6.42 -18.72 -21.66
CA GLU B 62 7.01 -18.13 -22.86
C GLU B 62 8.45 -17.67 -22.63
N ILE B 63 8.67 -16.94 -21.53
CA ILE B 63 10.00 -16.40 -21.24
C ILE B 63 10.99 -17.52 -20.85
N MET B 64 10.52 -18.47 -20.05
CA MET B 64 11.37 -19.58 -19.60
C MET B 64 11.85 -20.42 -20.77
N THR B 65 10.99 -20.64 -21.75
CA THR B 65 11.34 -21.38 -22.96
C THR B 65 12.35 -20.59 -23.80
N LYS B 66 12.00 -19.35 -24.14
CA LYS B 66 12.82 -18.54 -25.05
C LYS B 66 14.15 -18.13 -24.46
N TYR B 67 14.17 -17.91 -23.14
CA TYR B 67 15.38 -17.44 -22.47
C TYR B 67 15.91 -18.44 -21.44
N LYS B 68 15.74 -19.74 -21.72
CA LYS B 68 16.14 -20.81 -20.79
C LYS B 68 17.56 -20.61 -20.30
N GLY B 69 17.72 -20.59 -18.96
CA GLY B 69 19.02 -20.42 -18.33
C GLY B 69 19.66 -19.08 -18.62
N ASN B 70 18.85 -18.10 -19.01
CA ASN B 70 19.33 -16.75 -19.31
C ASN B 70 18.40 -15.64 -18.82
N TYR B 71 17.51 -15.97 -17.88
CA TYR B 71 16.72 -14.96 -17.14
C TYR B 71 17.09 -14.97 -15.67
N ILE B 72 16.83 -13.84 -15.01
CA ILE B 72 16.98 -13.71 -13.57
C ILE B 72 15.62 -13.90 -12.92
N LEU B 73 15.58 -14.74 -11.90
CA LEU B 73 14.40 -14.86 -11.05
C LEU B 73 14.65 -13.99 -9.83
N ALA B 74 13.76 -13.01 -9.63
CA ALA B 74 13.76 -12.18 -8.42
C ALA B 74 12.59 -12.60 -7.55
N VAL B 75 12.84 -12.78 -6.25
CA VAL B 75 11.78 -13.19 -5.34
C VAL B 75 11.63 -12.21 -4.19
N GLU B 76 10.43 -11.67 -4.08
CA GLU B 76 10.01 -10.88 -2.95
C GLU B 76 9.09 -11.77 -2.12
N GLY B 77 9.35 -11.85 -0.82
CA GLY B 77 8.54 -12.67 0.06
C GLY B 77 8.97 -14.11 0.03
N ASN B 78 8.13 -14.96 0.60
CA ASN B 78 8.47 -16.37 0.75
C ASN B 78 7.27 -17.32 0.76
N PRO B 79 7.54 -18.63 0.62
CA PRO B 79 6.49 -19.64 0.66
C PRO B 79 6.17 -20.14 2.06
N PRO B 80 4.87 -20.31 2.37
CA PRO B 80 4.47 -20.99 3.60
C PRO B 80 4.37 -22.49 3.40
N LEU B 81 4.83 -23.26 4.37
CA LEU B 81 4.70 -24.72 4.29
C LEU B 81 3.48 -25.26 5.04
N ASN B 82 2.91 -24.47 5.96
CA ASN B 82 1.69 -24.90 6.66
C ASN B 82 0.49 -24.62 5.75
N GLN B 83 -0.70 -25.04 6.20
CA GLN B 83 -1.93 -24.93 5.42
C GLN B 83 -1.80 -25.58 4.02
N ASP B 84 -0.97 -26.62 3.92
CA ASP B 84 -0.64 -27.28 2.64
C ASP B 84 -0.12 -26.29 1.58
N GLY B 85 0.53 -25.23 2.03
CA GLY B 85 1.08 -24.19 1.15
C GLY B 85 0.05 -23.19 0.64
N MET B 86 -1.22 -23.37 1.02
CA MET B 86 -2.33 -22.56 0.49
C MET B 86 -2.65 -21.34 1.35
N SER B 87 -1.75 -21.01 2.26
CA SER B 87 -1.74 -19.68 2.86
C SER B 87 -1.05 -18.69 1.90
N CYS B 88 -0.56 -19.18 0.75
CA CYS B 88 -0.20 -18.29 -0.36
C CYS B 88 -0.52 -19.00 -1.68
N ILE B 89 -1.62 -18.60 -2.31
CA ILE B 89 -2.20 -19.26 -3.47
C ILE B 89 -1.98 -18.40 -4.71
N ILE B 90 -1.44 -19.01 -5.78
CA ILE B 90 -1.27 -18.35 -7.07
C ILE B 90 -1.83 -19.28 -8.15
N GLY B 91 -2.78 -18.82 -8.94
CA GLY B 91 -3.42 -19.66 -9.97
C GLY B 91 -4.07 -20.91 -9.39
N GLY B 92 -4.66 -20.77 -8.20
CA GLY B 92 -5.30 -21.89 -7.49
C GLY B 92 -4.33 -22.93 -6.93
N ARG B 93 -3.03 -22.67 -7.01
CA ARG B 93 -1.99 -23.61 -6.56
C ARG B 93 -1.10 -22.95 -5.52
N PRO B 94 -0.36 -23.76 -4.73
CA PRO B 94 0.52 -23.13 -3.76
C PRO B 94 1.65 -22.36 -4.43
N PHE B 95 2.03 -21.24 -3.81
CA PHE B 95 3.12 -20.41 -4.33
C PHE B 95 4.41 -21.20 -4.51
N ILE B 96 4.68 -22.12 -3.59
CA ILE B 96 5.93 -22.90 -3.64
C ILE B 96 6.10 -23.66 -4.96
N GLU B 97 4.99 -24.06 -5.57
CA GLU B 97 5.02 -24.72 -6.87
C GLU B 97 5.43 -23.75 -7.99
N GLN B 98 4.97 -22.50 -7.91
CA GLN B 98 5.38 -21.50 -8.89
C GLN B 98 6.87 -21.19 -8.71
N LEU B 99 7.28 -20.98 -7.45
CA LEU B 99 8.69 -20.70 -7.15
C LEU B 99 9.61 -21.79 -7.71
N LYS B 100 9.31 -23.04 -7.39
CA LYS B 100 10.12 -24.16 -7.86
C LYS B 100 10.13 -24.26 -9.39
N TYR B 101 8.97 -24.06 -10.01
CA TYR B 101 8.86 -24.13 -11.46
C TYR B 101 9.74 -23.05 -12.15
N VAL B 102 9.61 -21.81 -11.71
CA VAL B 102 10.37 -20.71 -12.33
C VAL B 102 11.86 -20.78 -11.99
N ALA B 103 12.19 -21.20 -10.78
CA ALA B 103 13.60 -21.29 -10.35
C ALA B 103 14.47 -22.26 -11.18
N LYS B 104 13.87 -23.31 -11.71
CA LYS B 104 14.65 -24.41 -12.30
C LYS B 104 15.49 -24.02 -13.53
N ASP B 105 15.02 -23.03 -14.29
CA ASP B 105 15.75 -22.58 -15.49
C ASP B 105 16.32 -21.16 -15.38
N ALA B 106 16.37 -20.61 -14.17
CA ALA B 106 16.93 -19.28 -13.96
C ALA B 106 18.45 -19.32 -13.99
N LYS B 107 19.04 -18.28 -14.58
CA LYS B 107 20.48 -18.06 -14.54
C LYS B 107 20.94 -17.74 -13.11
N ALA B 108 20.16 -16.93 -12.42
CA ALA B 108 20.49 -16.51 -11.08
C ALA B 108 19.20 -16.21 -10.34
N ILE B 109 19.26 -16.28 -9.02
CA ILE B 109 18.11 -16.00 -8.17
C ILE B 109 18.46 -14.90 -7.16
N ILE B 110 17.62 -13.86 -7.12
CA ILE B 110 17.74 -12.80 -6.13
C ILE B 110 16.67 -12.96 -5.07
N SER B 111 17.10 -13.08 -3.81
CA SER B 111 16.17 -13.03 -2.66
C SER B 111 16.09 -11.58 -2.17
N TRP B 112 15.06 -10.86 -2.63
CA TRP B 112 14.88 -9.45 -2.24
C TRP B 112 14.38 -9.40 -0.82
N GLY B 113 15.09 -8.67 0.03
CA GLY B 113 14.58 -8.35 1.36
C GLY B 113 14.73 -9.45 2.41
N SER B 114 14.40 -9.08 3.64
CA SER B 114 14.53 -10.01 4.77
C SER B 114 13.57 -11.21 4.70
N CYS B 115 12.37 -11.03 4.14
CA CYS B 115 11.43 -12.15 4.03
C CYS B 115 11.99 -13.27 3.14
N ALA B 116 12.41 -12.92 1.92
CA ALA B 116 12.94 -13.91 1.00
C ALA B 116 14.28 -14.46 1.49
N SER B 117 15.08 -13.60 2.10
CA SER B 117 16.41 -13.96 2.55
C SER B 117 16.40 -14.88 3.77
N TRP B 118 15.58 -14.54 4.78
CA TRP B 118 15.64 -15.21 6.08
C TRP B 118 14.30 -15.69 6.68
N GLY B 119 13.17 -15.18 6.19
CA GLY B 119 11.85 -15.51 6.80
C GLY B 119 10.99 -14.29 7.01
N GLY B 120 11.60 -13.21 7.49
CA GLY B 120 10.89 -11.96 7.69
C GLY B 120 9.86 -12.01 8.81
N VAL B 121 8.98 -11.03 8.80
CA VAL B 121 8.05 -10.83 9.93
C VAL B 121 7.11 -12.04 10.12
N GLN B 122 6.65 -12.64 9.01
CA GLN B 122 5.76 -13.79 9.07
C GLN B 122 6.43 -15.02 9.70
N ALA B 123 7.77 -15.10 9.63
CA ALA B 123 8.53 -16.20 10.25
C ALA B 123 8.89 -15.93 11.72
N ALA B 124 8.56 -14.74 12.23
CA ALA B 124 8.76 -14.44 13.66
C ALA B 124 7.85 -15.35 14.49
N LYS B 125 8.24 -15.64 15.72
CA LYS B 125 7.51 -16.61 16.55
CA LYS B 125 7.51 -16.59 16.57
C LYS B 125 6.04 -16.21 16.70
N PRO B 126 5.12 -17.20 16.60
CA PRO B 126 5.30 -18.65 16.41
C PRO B 126 5.24 -19.14 14.94
N ASN B 127 5.44 -18.23 13.98
CA ASN B 127 5.42 -18.57 12.55
C ASN B 127 4.23 -19.45 12.15
N PRO B 128 3.00 -18.89 12.21
CA PRO B 128 1.79 -19.69 11.98
C PRO B 128 1.72 -20.38 10.60
N THR B 129 2.36 -19.80 9.58
CA THR B 129 2.31 -20.35 8.22
C THR B 129 3.54 -21.19 7.84
N GLN B 130 4.51 -21.31 8.76
CA GLN B 130 5.79 -21.93 8.49
CA GLN B 130 5.80 -21.92 8.49
C GLN B 130 6.39 -21.32 7.22
N ALA B 131 6.45 -20.00 7.21
CA ALA B 131 7.06 -19.25 6.15
C ALA B 131 8.54 -19.59 6.18
N THR B 132 9.10 -19.84 5.00
CA THR B 132 10.42 -20.42 4.86
C THR B 132 11.21 -19.62 3.83
N PRO B 133 12.46 -19.23 4.14
CA PRO B 133 13.20 -18.44 3.15
C PRO B 133 13.53 -19.22 1.86
N VAL B 134 13.72 -18.48 0.77
CA VAL B 134 13.90 -19.07 -0.57
C VAL B 134 15.03 -20.10 -0.63
N HIS B 135 16.17 -19.78 -0.03
CA HIS B 135 17.34 -20.67 -0.09
C HIS B 135 17.18 -22.00 0.66
N LYS B 136 16.20 -22.11 1.54
CA LYS B 136 15.87 -23.39 2.18
C LYS B 136 14.92 -24.24 1.32
N VAL B 137 14.35 -23.65 0.27
CA VAL B 137 13.45 -24.36 -0.63
C VAL B 137 14.17 -24.67 -1.94
N ILE B 138 14.83 -23.67 -2.51
CA ILE B 138 15.63 -23.85 -3.72
C ILE B 138 17.09 -24.04 -3.27
N THR B 139 17.59 -25.27 -3.40
CA THR B 139 18.91 -25.64 -2.86
C THR B 139 19.95 -25.93 -3.93
N ASP B 140 19.54 -25.88 -5.20
CA ASP B 140 20.42 -26.27 -6.31
C ASP B 140 20.67 -25.14 -7.32
N LYS B 141 20.41 -23.89 -6.90
CA LYS B 141 20.62 -22.73 -7.76
C LYS B 141 21.40 -21.64 -7.02
N PRO B 142 22.17 -20.82 -7.77
CA PRO B 142 22.90 -19.73 -7.13
C PRO B 142 21.95 -18.60 -6.70
N ILE B 143 22.00 -18.24 -5.42
CA ILE B 143 21.11 -17.24 -4.84
C ILE B 143 21.92 -16.13 -4.19
N ILE B 144 21.56 -14.89 -4.49
CA ILE B 144 22.11 -13.72 -3.79
C ILE B 144 21.02 -13.19 -2.85
N LYS B 145 21.39 -13.02 -1.57
CA LYS B 145 20.48 -12.46 -0.56
C LYS B 145 20.72 -10.97 -0.48
N VAL B 146 19.65 -10.18 -0.49
CA VAL B 146 19.74 -8.75 -0.43
C VAL B 146 18.84 -8.35 0.73
N PRO B 147 19.32 -8.58 1.98
CA PRO B 147 18.41 -8.43 3.11
C PRO B 147 18.17 -6.98 3.52
N GLY B 148 17.23 -6.80 4.43
CA GLY B 148 16.75 -5.47 4.80
C GLY B 148 15.25 -5.44 4.66
N CYS B 149 14.59 -4.61 5.47
CA CYS B 149 13.14 -4.56 5.52
C CYS B 149 12.60 -3.14 5.29
N PRO B 150 12.60 -2.68 4.03
CA PRO B 150 13.17 -3.28 2.82
C PRO B 150 14.65 -2.90 2.68
N PRO B 151 15.35 -3.47 1.69
CA PRO B 151 16.69 -2.98 1.40
C PRO B 151 16.63 -1.56 0.85
N ILE B 152 17.74 -0.85 0.95
CA ILE B 152 17.89 0.49 0.37
C ILE B 152 17.65 0.40 -1.13
N ALA B 153 16.98 1.39 -1.72
CA ALA B 153 16.64 1.37 -3.15
C ALA B 153 17.86 1.19 -4.04
N GLU B 154 18.89 1.97 -3.76
CA GLU B 154 20.12 1.96 -4.59
C GLU B 154 20.95 0.68 -4.42
N VAL B 155 20.77 0.01 -3.29
CA VAL B 155 21.35 -1.32 -3.10
C VAL B 155 20.64 -2.32 -4.02
N MET B 156 19.32 -2.27 -4.08
CA MET B 156 18.55 -3.16 -4.96
C MET B 156 18.94 -2.96 -6.41
N THR B 157 18.90 -1.71 -6.88
CA THR B 157 19.27 -1.41 -8.26
C THR B 157 20.78 -1.59 -8.49
N GLY B 158 21.59 -1.42 -7.46
CA GLY B 158 23.04 -1.63 -7.57
C GLY B 158 23.37 -3.09 -7.87
N VAL B 159 22.64 -3.99 -7.23
CA VAL B 159 22.76 -5.42 -7.51
C VAL B 159 22.37 -5.74 -8.95
N ILE B 160 21.22 -5.23 -9.40
CA ILE B 160 20.77 -5.44 -10.78
C ILE B 160 21.79 -4.92 -11.78
N THR B 161 22.30 -3.70 -11.54
CA THR B 161 23.27 -3.06 -12.43
C THR B 161 24.55 -3.89 -12.57
N TYR B 162 25.07 -4.40 -11.45
CA TYR B 162 26.27 -5.23 -11.48
C TYR B 162 26.01 -6.50 -12.29
N MET B 163 24.91 -7.17 -11.97
CA MET B 163 24.57 -8.42 -12.64
C MET B 163 24.40 -8.25 -14.15
N LEU B 164 23.79 -7.14 -14.56
CA LEU B 164 23.57 -6.86 -15.99
C LEU B 164 24.87 -6.48 -16.70
N THR B 165 25.68 -5.65 -16.07
CA THR B 165 26.95 -5.23 -16.65
C THR B 165 27.94 -6.40 -16.85
N PHE B 166 28.08 -7.23 -15.83
CA PHE B 166 29.12 -8.27 -15.82
C PHE B 166 28.63 -9.69 -16.10
N ASP B 167 27.31 -9.89 -16.10
CA ASP B 167 26.74 -11.23 -16.28
C ASP B 167 27.30 -12.21 -15.22
N ARG B 168 27.45 -11.70 -14.01
CA ARG B 168 27.97 -12.44 -12.85
C ARG B 168 27.23 -11.98 -11.60
N ILE B 169 27.14 -12.84 -10.60
CA ILE B 169 26.70 -12.44 -9.26
C ILE B 169 27.91 -11.81 -8.56
N PRO B 170 27.71 -10.68 -7.86
CA PRO B 170 28.88 -10.08 -7.19
C PRO B 170 29.39 -10.94 -6.04
N GLU B 171 30.63 -10.70 -5.60
N GLU B 171 30.62 -10.68 -5.60
CA GLU B 171 31.23 -11.48 -4.53
CA GLU B 171 31.24 -11.42 -4.49
C GLU B 171 30.37 -11.38 -3.26
C GLU B 171 30.31 -11.38 -3.27
N LEU B 172 30.11 -12.54 -2.66
CA LEU B 172 29.22 -12.68 -1.53
C LEU B 172 29.99 -13.04 -0.26
N ASP B 173 29.44 -12.61 0.87
CA ASP B 173 29.94 -13.02 2.18
C ASP B 173 29.38 -14.42 2.49
N ARG B 174 29.78 -14.97 3.63
CA ARG B 174 29.36 -16.32 4.05
CA ARG B 174 29.36 -16.32 4.05
C ARG B 174 27.84 -16.50 4.06
N GLN B 175 27.11 -15.43 4.38
CA GLN B 175 25.65 -15.47 4.45
C GLN B 175 24.96 -15.22 3.11
N GLY B 176 25.74 -15.04 2.05
CA GLY B 176 25.21 -14.91 0.70
C GLY B 176 24.84 -13.49 0.30
N ARG B 177 25.28 -12.51 1.10
CA ARG B 177 25.02 -11.09 0.84
C ARG B 177 26.16 -10.46 0.04
N PRO B 178 25.84 -9.49 -0.85
CA PRO B 178 26.89 -8.82 -1.64
C PRO B 178 27.82 -7.94 -0.78
N LYS B 179 29.11 -8.24 -0.79
CA LYS B 179 30.10 -7.49 -0.01
C LYS B 179 30.16 -6.01 -0.40
N MET B 180 29.83 -5.70 -1.66
CA MET B 180 29.86 -4.32 -2.14
C MET B 180 28.84 -3.43 -1.41
N PHE B 181 27.87 -4.06 -0.75
CA PHE B 181 26.85 -3.34 0.02
C PHE B 181 26.73 -3.73 1.52
N TYR B 182 27.11 -4.96 1.88
CA TYR B 182 26.91 -5.46 3.24
C TYR B 182 28.21 -5.78 4.03
N SER B 183 29.34 -5.16 3.65
CA SER B 183 30.61 -5.46 4.31
CA SER B 183 30.61 -5.46 4.31
C SER B 183 30.79 -4.69 5.63
N GLN B 184 30.10 -3.56 5.77
CA GLN B 184 30.21 -2.72 6.97
C GLN B 184 29.03 -2.87 7.90
N ARG B 185 29.30 -2.81 9.20
CA ARG B 185 28.24 -2.64 10.19
C ARG B 185 27.84 -1.17 10.19
N ILE B 186 26.57 -0.90 10.49
CA ILE B 186 26.04 0.47 10.58
C ILE B 186 26.92 1.33 11.49
N HIS B 187 27.31 0.75 12.63
CA HIS B 187 28.11 1.40 13.66
C HIS B 187 29.51 1.87 13.21
N ASP B 188 30.06 1.24 12.16
CA ASP B 188 31.41 1.54 11.65
C ASP B 188 31.55 3.00 11.20
N LYS B 189 30.60 3.49 10.40
CA LYS B 189 30.65 4.85 9.83
C LYS B 189 29.48 5.74 10.29
N CYS B 190 28.66 5.27 11.24
CA CYS B 190 27.56 6.07 11.77
C CYS B 190 28.07 7.42 12.28
N TYR B 191 27.45 8.50 11.82
CA TYR B 191 27.88 9.85 12.17
C TYR B 191 27.76 10.17 13.68
N ARG B 192 27.01 9.36 14.44
CA ARG B 192 26.91 9.52 15.90
C ARG B 192 28.03 8.76 16.63
N ARG B 193 28.90 8.09 15.89
CA ARG B 193 29.99 7.30 16.49
C ARG B 193 30.87 8.08 17.49
N PRO B 194 31.23 9.34 17.17
CA PRO B 194 32.02 10.11 18.13
C PRO B 194 31.33 10.27 19.49
N HIS B 195 30.01 10.35 19.50
CA HIS B 195 29.26 10.38 20.75
C HIS B 195 29.36 9.03 21.48
N PHE B 196 29.17 7.93 20.76
CA PHE B 196 29.35 6.59 21.34
C PHE B 196 30.74 6.48 21.98
N ASP B 197 31.78 6.86 21.24
CA ASP B 197 33.17 6.80 21.71
C ASP B 197 33.43 7.66 22.95
N ALA B 198 32.64 8.73 23.10
CA ALA B 198 32.77 9.65 24.24
C ALA B 198 31.78 9.31 25.37
N GLY B 199 31.03 8.22 25.22
CA GLY B 199 30.04 7.81 26.21
C GLY B 199 28.87 8.78 26.33
N GLN B 200 28.52 9.42 25.22
CA GLN B 200 27.42 10.39 25.17
C GLN B 200 26.18 9.75 24.56
N PHE B 201 25.19 9.45 25.41
CA PHE B 201 24.04 8.68 25.02
C PHE B 201 22.70 9.33 25.33
N VAL B 202 21.73 9.11 24.44
CA VAL B 202 20.34 9.35 24.78
C VAL B 202 19.88 8.32 25.83
N GLU B 203 19.18 8.79 26.87
CA GLU B 203 18.66 7.89 27.92
C GLU B 203 17.11 7.85 27.94
N GLU B 204 16.47 8.92 27.50
CA GLU B 204 15.03 8.98 27.36
C GLU B 204 14.72 9.73 26.09
N TRP B 205 13.61 9.41 25.44
CA TRP B 205 13.25 10.10 24.21
C TRP B 205 13.10 11.59 24.48
N ASP B 206 13.63 12.39 23.55
CA ASP B 206 13.52 13.84 23.57
C ASP B 206 14.19 14.49 24.80
N ASP B 207 15.15 13.79 25.41
CA ASP B 207 15.97 14.42 26.45
C ASP B 207 16.97 15.36 25.77
N GLU B 208 17.75 16.11 26.57
CA GLU B 208 18.68 17.08 26.00
C GLU B 208 19.69 16.40 25.08
N SER B 209 20.09 15.19 25.45
CA SER B 209 21.01 14.39 24.65
C SER B 209 20.44 14.04 23.26
N ALA B 210 19.14 13.75 23.19
CA ALA B 210 18.49 13.44 21.92
C ALA B 210 18.46 14.67 21.01
N ARG B 211 18.25 15.82 21.61
CA ARG B 211 18.24 17.10 20.87
C ARG B 211 19.62 17.49 20.38
N LYS B 212 20.67 16.91 20.96
CA LYS B 212 22.04 17.12 20.51
C LYS B 212 22.55 15.98 19.63
N GLY B 213 21.69 15.02 19.31
CA GLY B 213 22.06 13.93 18.40
C GLY B 213 23.05 12.92 18.99
N PHE B 214 22.97 12.70 20.30
CA PHE B 214 23.82 11.73 20.98
C PHE B 214 23.51 10.29 20.51
N CYS B 215 24.42 9.39 20.80
CA CYS B 215 24.31 8.01 20.37
C CYS B 215 23.05 7.34 20.95
N LEU B 216 22.48 6.44 20.16
CA LEU B 216 21.20 5.79 20.45
C LEU B 216 21.35 4.37 21.02
N TYR B 217 22.58 3.96 21.34
CA TYR B 217 22.86 2.61 21.89
C TYR B 217 21.98 2.25 23.08
N LYS B 218 21.83 3.16 24.03
CA LYS B 218 21.03 2.88 25.23
C LYS B 218 19.51 2.90 24.99
N MET B 219 19.10 3.39 23.81
CA MET B 219 17.71 3.30 23.39
C MET B 219 17.46 2.07 22.50
N GLY B 220 18.46 1.19 22.39
CA GLY B 220 18.30 -0.11 21.71
C GLY B 220 18.90 -0.21 20.33
N CYS B 221 19.65 0.80 19.91
CA CYS B 221 20.24 0.78 18.58
C CYS B 221 21.03 -0.51 18.31
N LYS B 222 20.67 -1.22 17.25
CA LYS B 222 21.34 -2.46 16.89
C LYS B 222 22.38 -2.27 15.79
N GLY B 223 22.78 -1.01 15.55
CA GLY B 223 23.83 -0.70 14.59
C GLY B 223 25.15 -1.47 14.76
N PRO B 224 25.57 -1.70 16.03
CA PRO B 224 26.80 -2.45 16.27
C PRO B 224 26.82 -3.91 15.80
N THR B 225 25.65 -4.49 15.56
CA THR B 225 25.55 -5.89 15.10
C THR B 225 24.83 -6.05 13.75
N THR B 226 24.61 -4.94 13.05
CA THR B 226 23.83 -4.95 11.83
C THR B 226 24.64 -4.51 10.61
N TYR B 227 24.66 -5.34 9.58
CA TYR B 227 25.41 -5.06 8.36
C TYR B 227 24.46 -4.51 7.29
N ASN B 228 24.73 -3.29 6.84
CA ASN B 228 23.95 -2.63 5.80
C ASN B 228 24.69 -1.37 5.39
N ALA B 229 24.18 -0.67 4.37
CA ALA B 229 24.81 0.55 3.83
C ALA B 229 24.14 1.85 4.32
N CYS B 230 23.33 1.74 5.39
CA CYS B 230 22.48 2.85 5.82
C CYS B 230 23.24 4.06 6.30
N SER B 231 24.39 3.88 6.93
CA SER B 231 25.10 5.01 7.51
C SER B 231 25.92 5.79 6.47
N THR B 232 26.13 5.20 5.30
CA THR B 232 26.95 5.80 4.24
C THR B 232 26.12 6.15 3.01
N THR B 233 25.58 5.13 2.35
CA THR B 233 24.66 5.34 1.22
C THR B 233 23.37 6.08 1.65
N ARG B 234 22.84 5.67 2.80
CA ARG B 234 21.65 6.26 3.39
C ARG B 234 20.40 6.01 2.51
N TRP B 235 19.29 6.66 2.84
CA TRP B 235 17.98 6.33 2.30
C TRP B 235 17.40 7.43 1.45
N ASN B 236 16.73 7.04 0.37
CA ASN B 236 15.93 7.98 -0.44
C ASN B 236 16.81 9.10 -0.97
N GLU B 237 17.82 8.66 -1.72
CA GLU B 237 18.85 9.51 -2.32
C GLU B 237 19.67 10.25 -1.26
N GLY B 238 20.10 9.50 -0.24
CA GLY B 238 20.96 10.07 0.81
C GLY B 238 20.30 11.16 1.65
N THR B 239 18.98 11.06 1.85
CA THR B 239 18.26 12.10 2.60
C THR B 239 18.45 11.93 4.11
N SER B 240 18.29 10.70 4.59
CA SER B 240 18.48 10.39 5.99
C SER B 240 18.66 8.89 6.16
N PHE B 241 18.72 8.45 7.40
CA PHE B 241 18.59 7.04 7.75
C PHE B 241 18.02 6.97 9.17
N PRO B 242 17.59 5.77 9.61
CA PRO B 242 16.90 5.68 10.90
C PRO B 242 17.56 6.47 12.02
N ILE B 243 18.87 6.30 12.17
CA ILE B 243 19.60 6.94 13.26
C ILE B 243 19.65 8.46 13.09
N GLN B 244 19.85 8.96 11.88
CA GLN B 244 19.87 10.41 11.65
C GLN B 244 18.53 11.06 12.01
N SER B 245 17.44 10.37 11.71
CA SER B 245 16.09 10.82 12.08
C SER B 245 15.68 10.52 13.54
N GLY B 246 16.56 9.88 14.31
CA GLY B 246 16.41 9.81 15.76
C GLY B 246 15.99 8.49 16.38
N HIS B 247 15.77 7.45 15.58
CA HIS B 247 15.44 6.13 16.10
C HIS B 247 16.63 5.20 15.90
N GLY B 248 16.92 4.35 16.88
CA GLY B 248 17.98 3.38 16.71
C GLY B 248 17.67 2.42 15.58
N CYS B 249 18.71 1.91 14.96
CA CYS B 249 18.57 0.77 14.08
C CYS B 249 17.90 -0.36 14.87
N ILE B 250 16.90 -1.02 14.26
CA ILE B 250 16.23 -2.19 14.89
C ILE B 250 16.82 -3.51 14.39
N GLY B 251 17.84 -3.42 13.55
CA GLY B 251 18.55 -4.58 13.03
C GLY B 251 17.89 -5.25 11.84
N CYS B 252 17.23 -4.47 10.99
CA CYS B 252 16.24 -5.05 10.04
C CYS B 252 16.83 -5.87 8.89
N SER B 253 18.15 -5.77 8.66
CA SER B 253 18.81 -6.59 7.65
C SER B 253 19.37 -7.91 8.19
N GLU B 254 19.30 -8.12 9.50
CA GLU B 254 19.88 -9.31 10.12
C GLU B 254 18.87 -10.44 10.27
N ASP B 255 19.35 -11.65 10.02
CA ASP B 255 18.60 -12.90 10.15
C ASP B 255 17.91 -13.01 11.51
N GLY B 256 16.59 -13.15 11.49
CA GLY B 256 15.82 -13.32 12.72
C GLY B 256 15.76 -12.12 13.66
N PHE B 257 15.92 -10.91 13.14
CA PHE B 257 15.96 -9.73 14.03
C PHE B 257 14.68 -9.52 14.84
N TRP B 258 13.56 -9.99 14.32
CA TRP B 258 12.27 -9.87 15.01
C TRP B 258 12.24 -10.59 16.36
N ASP B 259 13.06 -11.63 16.52
CA ASP B 259 13.05 -12.47 17.73
C ASP B 259 14.30 -12.34 18.58
N LYS B 260 15.03 -11.24 18.40
CA LYS B 260 16.22 -10.96 19.17
C LYS B 260 15.94 -9.97 20.31
N GLY B 261 14.72 -10.00 20.83
CA GLY B 261 14.32 -9.18 21.95
C GLY B 261 13.71 -7.86 21.52
N SER B 262 13.25 -7.08 22.49
CA SER B 262 12.67 -5.77 22.19
C SER B 262 13.64 -4.90 21.42
N PHE B 263 13.08 -4.10 20.51
CA PHE B 263 13.89 -3.16 19.73
C PHE B 263 14.51 -2.11 20.64
N TYR B 264 13.92 -1.88 21.81
CA TYR B 264 14.40 -0.87 22.76
C TYR B 264 15.30 -1.43 23.87
N ASP B 265 15.50 -2.76 23.87
CA ASP B 265 16.49 -3.36 24.76
C ASP B 265 17.88 -3.17 24.17
N ARG B 266 18.78 -2.62 24.97
CA ARG B 266 20.13 -2.36 24.49
C ARG B 266 20.93 -3.65 24.35
N LEU B 267 21.93 -3.62 23.47
CA LEU B 267 22.90 -4.69 23.36
C LEU B 267 23.71 -4.74 24.65
N THR B 268 24.13 -5.93 25.05
CA THR B 268 24.99 -6.10 26.23
C THR B 268 26.42 -6.34 25.80
N GLY B 269 27.35 -6.03 26.70
CA GLY B 269 28.77 -6.05 26.38
C GLY B 269 29.09 -4.89 25.47
N ILE B 270 28.93 -3.67 25.99
CA ILE B 270 29.27 -2.45 25.25
C ILE B 270 30.77 -2.36 24.92
N SER B 271 31.60 -3.01 25.75
CA SER B 271 33.05 -3.13 25.50
C SER B 271 33.36 -3.86 24.18
N GLN B 272 32.50 -4.81 23.82
CA GLN B 272 32.57 -5.52 22.53
C GLN B 272 32.75 -4.59 21.32
N PHE B 273 32.02 -3.47 21.33
CA PHE B 273 31.89 -2.60 20.16
C PHE B 273 32.73 -1.33 20.32
#